data_3CLI
#
_entry.id   3CLI
#
_cell.length_a   63.639
_cell.length_b   105.192
_cell.length_c   162.295
_cell.angle_alpha   90.00
_cell.angle_beta   90.00
_cell.angle_gamma   90.00
#
_symmetry.space_group_name_H-M   'P 21 21 21'
#
loop_
_entity.id
_entity.type
_entity.pdbx_description
1 polymer 'Allene Oxide Synthase'
2 non-polymer 'PROTOPORPHYRIN IX CONTAINING FE'
3 non-polymer GLYCEROL
4 water water
#
_entity_poly.entity_id   1
_entity_poly.type   'polypeptide(L)'
_entity_poly.pdbx_seq_one_letter_code
;MAKKTSSGSETPDLTVATRTGSKDLPIRNIPGNYGLPIVGPIKDRWDYFYDQGAEEFFKSRIRKYNSTVYRVNMPPGAFI
AENPQVVALLDGKSFPVLFDVDKVEKKDLFTGTYMPSTELTGGYRILSYLDPSEPKHEKLKNLLFFLLKSSRNRIFPEFQ
ATYSELFDSLEKELSLKGKADFGGSSDGTAFNFLARAFYGTNPADTKLKADAPGLITKWVLFNLHPLLSIGLPRVIEEPL
IHTFSLPPALVKSDYQRLYEFFLESAGEILVEADKLGISREEATHNLLFATCFNTWGGMKILFPNMVKRIGRAGHQVHNR
LAEEIRSVIKSNGGELTMGAIEKMELTKSVVYECLRFEPPVTAQYGRAKKDLVIESHDAAFKVKAGEMLYGYQPLATRDP
KIFDRADEFVPERFVGEEGEKLLRHVLWSNGPETETPTVGNKQCAGKDFVVLVARLFVIEIFRRYDSFDIEVGTSPLGSS
VNFSSLRKASFHHHH
;
_entity_poly.pdbx_strand_id   A,B
#
loop_
_chem_comp.id
_chem_comp.type
_chem_comp.name
_chem_comp.formula
GOL non-polymer GLYCEROL 'C3 H8 O3'
HEM non-polymer 'PROTOPORPHYRIN IX CONTAINING FE' 'C34 H32 Fe N4 O4'
#
# COMPACT_ATOMS: atom_id res chain seq x y z
N LEU A 25 16.31 -37.67 21.65
CA LEU A 25 16.47 -36.23 21.99
C LEU A 25 16.45 -36.05 23.51
N PRO A 26 17.14 -35.01 24.00
CA PRO A 26 17.07 -34.67 25.43
C PRO A 26 15.67 -34.19 25.77
N ILE A 27 15.17 -34.56 26.95
CA ILE A 27 13.94 -33.99 27.47
C ILE A 27 14.28 -32.62 28.05
N ARG A 28 13.54 -31.59 27.64
CA ARG A 28 13.70 -30.24 28.17
C ARG A 28 12.42 -29.81 28.89
N ASN A 29 12.60 -29.06 29.96
CA ASN A 29 11.49 -28.35 30.58
C ASN A 29 10.90 -27.38 29.54
N ILE A 30 9.56 -27.32 29.43
CA ILE A 30 8.93 -26.33 28.52
C ILE A 30 9.14 -24.93 29.09
N PRO A 31 9.90 -24.08 28.37
CA PRO A 31 10.19 -22.73 28.86
C PRO A 31 8.98 -21.79 28.72
N GLY A 32 9.11 -20.59 29.26
CA GLY A 32 8.03 -19.60 29.23
C GLY A 32 7.24 -19.59 30.51
N ASN A 33 6.49 -18.53 30.75
CA ASN A 33 5.55 -18.53 31.86
C ASN A 33 4.37 -17.63 31.55
N TYR A 34 3.37 -17.64 32.43
CA TYR A 34 2.14 -16.94 32.17
C TYR A 34 2.04 -15.59 32.91
N GLY A 35 3.13 -15.20 33.55
CA GLY A 35 3.19 -13.96 34.31
C GLY A 35 2.18 -13.88 35.44
N LEU A 36 1.90 -12.65 35.86
CA LEU A 36 1.00 -12.39 36.98
C LEU A 36 -0.46 -12.70 36.65
N PRO A 37 -1.24 -13.14 37.65
CA PRO A 37 -2.69 -13.21 37.44
C PRO A 37 -3.22 -11.88 36.92
N ILE A 38 -4.24 -11.96 36.05
CA ILE A 38 -4.86 -10.80 35.35
C ILE A 38 -3.88 -10.06 34.43
N VAL A 39 -2.81 -9.53 35.04
CA VAL A 39 -1.82 -8.65 34.38
C VAL A 39 -0.94 -9.35 33.33
N GLY A 40 -0.53 -10.59 33.62
CA GLY A 40 0.21 -11.41 32.65
C GLY A 40 -0.50 -11.50 31.30
N PRO A 41 -1.70 -12.10 31.29
CA PRO A 41 -2.48 -12.25 30.05
C PRO A 41 -2.77 -10.93 29.34
N ILE A 42 -3.07 -9.86 30.08
CA ILE A 42 -3.35 -8.57 29.44
C ILE A 42 -2.10 -7.98 28.74
N LYS A 43 -0.94 -8.04 29.40
CA LYS A 43 0.27 -7.56 28.73
C LYS A 43 0.60 -8.38 27.48
N ASP A 44 0.44 -9.70 27.56
CA ASP A 44 0.65 -10.57 26.39
C ASP A 44 -0.31 -10.23 25.25
N ARG A 45 -1.54 -9.88 25.61
CA ARG A 45 -2.56 -9.52 24.63
C ARG A 45 -2.17 -8.22 23.96
N TRP A 46 -1.63 -7.27 24.74
CA TRP A 46 -1.18 -6.00 24.14
C TRP A 46 -0.03 -6.21 23.17
N ASP A 47 0.93 -7.07 23.53
CA ASP A 47 2.02 -7.43 22.62
C ASP A 47 1.44 -8.02 21.35
N TYR A 48 0.52 -8.96 21.51
CA TYR A 48 -0.03 -9.68 20.39
C TYR A 48 -0.73 -8.75 19.38
N PHE A 49 -1.57 -7.86 19.88
CA PHE A 49 -2.37 -6.98 19.02
C PHE A 49 -1.66 -5.68 18.61
N TYR A 50 -0.89 -5.09 19.52
CA TYR A 50 -0.49 -3.68 19.33
C TYR A 50 1.01 -3.45 19.23
N ASP A 51 1.74 -3.95 20.21
CA ASP A 51 3.16 -3.60 20.34
C ASP A 51 4.08 -4.53 19.54
N GLN A 52 3.63 -5.76 19.25
CA GLN A 52 4.43 -6.64 18.39
C GLN A 52 3.74 -7.16 17.14
N GLY A 53 2.47 -7.56 17.24
CA GLY A 53 1.83 -8.23 16.13
C GLY A 53 2.10 -9.72 16.26
N ALA A 54 1.20 -10.54 15.72
CA ALA A 54 1.30 -12.00 15.92
C ALA A 54 2.67 -12.59 15.58
N GLU A 55 3.18 -12.27 14.39
CA GLU A 55 4.42 -12.92 13.97
C GLU A 55 5.60 -12.63 14.90
N GLU A 56 5.82 -11.36 15.22
CA GLU A 56 6.88 -10.97 16.14
C GLU A 56 6.59 -11.39 17.58
N PHE A 57 5.31 -11.41 17.97
CA PHE A 57 4.92 -11.95 19.29
C PHE A 57 5.53 -13.37 19.47
N PHE A 58 5.33 -14.23 18.47
CA PHE A 58 5.86 -15.60 18.55
C PHE A 58 7.36 -15.66 18.33
N LYS A 59 7.87 -14.93 17.36
CA LYS A 59 9.29 -15.03 17.07
C LYS A 59 10.18 -14.48 18.18
N SER A 60 9.79 -13.34 18.79
CA SER A 60 10.59 -12.77 19.87
C SER A 60 10.73 -13.79 21.02
N ARG A 61 9.67 -14.56 21.27
CA ARG A 61 9.70 -15.55 22.38
C ARG A 61 10.49 -16.82 22.00
N ILE A 62 10.43 -17.22 20.72
CA ILE A 62 11.31 -18.28 20.21
C ILE A 62 12.79 -17.90 20.49
N ARG A 63 13.14 -16.68 20.14
CA ARG A 63 14.50 -16.20 20.41
C ARG A 63 14.82 -16.16 21.92
N LYS A 64 13.94 -15.54 22.70
CA LYS A 64 14.21 -15.39 24.13
C LYS A 64 14.35 -16.75 24.82
N TYR A 65 13.44 -17.66 24.50
CA TYR A 65 13.43 -18.97 25.14
C TYR A 65 14.35 -19.98 24.47
N ASN A 66 14.91 -19.62 23.31
CA ASN A 66 15.70 -20.56 22.52
C ASN A 66 14.94 -21.88 22.32
N SER A 67 13.65 -21.74 21.96
CA SER A 67 12.79 -22.92 21.82
C SER A 67 11.65 -22.61 20.89
N THR A 68 11.29 -23.60 20.07
CA THR A 68 10.07 -23.48 19.27
C THR A 68 8.84 -24.07 19.98
N VAL A 69 9.02 -24.53 21.21
CA VAL A 69 7.92 -24.99 22.08
C VAL A 69 8.01 -24.23 23.39
N TYR A 70 6.95 -23.49 23.75
CA TYR A 70 7.01 -22.74 25.01
C TYR A 70 5.59 -22.42 25.50
N ARG A 71 5.49 -22.04 26.78
CA ARG A 71 4.23 -21.60 27.41
C ARG A 71 4.00 -20.14 27.08
N VAL A 72 2.78 -19.81 26.69
CA VAL A 72 2.42 -18.39 26.48
C VAL A 72 0.91 -18.22 26.73
N ASN A 73 0.48 -17.00 27.11
CA ASN A 73 -0.95 -16.67 27.15
C ASN A 73 -1.41 -16.27 25.75
N MET A 74 -2.62 -16.69 25.39
CA MET A 74 -3.25 -16.32 24.11
C MET A 74 -4.54 -15.51 24.35
N PRO A 75 -4.88 -14.60 23.41
CA PRO A 75 -6.14 -13.86 23.49
C PRO A 75 -7.26 -14.88 23.36
N PRO A 76 -8.47 -14.53 23.80
CA PRO A 76 -8.86 -13.23 24.36
C PRO A 76 -8.69 -13.06 25.86
N GLY A 77 -8.49 -14.14 26.60
CA GLY A 77 -8.50 -14.03 28.07
C GLY A 77 -9.75 -13.28 28.56
N ALA A 78 -9.52 -12.32 29.47
CA ALA A 78 -10.53 -11.33 29.96
C ALA A 78 -11.78 -12.02 30.39
N PHE A 79 -12.93 -11.53 29.93
CA PHE A 79 -14.14 -12.19 30.36
C PHE A 79 -14.63 -13.20 29.34
N ILE A 80 -13.90 -13.36 28.24
CA ILE A 80 -14.41 -14.18 27.15
C ILE A 80 -13.92 -15.62 27.24
N ALA A 81 -12.63 -15.79 27.53
CA ALA A 81 -12.02 -17.12 27.65
C ALA A 81 -11.75 -17.40 29.11
N GLU A 82 -12.07 -18.62 29.58
CA GLU A 82 -11.80 -19.01 30.96
C GLU A 82 -10.31 -19.16 31.26
N ASN A 83 -9.56 -19.72 30.31
CA ASN A 83 -8.15 -20.01 30.51
C ASN A 83 -7.31 -19.67 29.28
N PRO A 84 -6.46 -18.63 29.37
CA PRO A 84 -5.63 -18.24 28.23
C PRO A 84 -4.33 -19.05 28.07
N GLN A 85 -4.08 -20.00 28.97
CA GLN A 85 -2.77 -20.64 29.03
C GLN A 85 -2.64 -21.75 28.00
N VAL A 86 -1.60 -21.66 27.17
CA VAL A 86 -1.36 -22.72 26.18
C VAL A 86 0.13 -23.11 26.14
N VAL A 87 0.38 -24.27 25.52
CA VAL A 87 1.73 -24.64 25.05
C VAL A 87 1.74 -24.48 23.53
N ALA A 88 2.63 -23.60 23.06
CA ALA A 88 2.72 -23.22 21.64
C ALA A 88 3.72 -24.15 20.98
N LEU A 89 3.38 -24.58 19.76
CA LEU A 89 4.17 -25.52 18.95
C LEU A 89 4.45 -24.78 17.65
N LEU A 90 5.69 -24.39 17.48
CA LEU A 90 6.04 -23.40 16.47
C LEU A 90 7.12 -23.90 15.50
N ASP A 91 7.13 -25.21 15.26
CA ASP A 91 8.00 -25.79 14.22
C ASP A 91 7.24 -26.91 13.52
N GLY A 92 7.72 -27.35 12.36
CA GLY A 92 6.98 -28.34 11.56
C GLY A 92 7.15 -29.78 12.02
N LYS A 93 7.98 -30.01 13.03
CA LYS A 93 8.08 -31.34 13.61
C LYS A 93 7.08 -31.54 14.77
N SER A 94 6.96 -30.53 15.63
CA SER A 94 6.08 -30.59 16.78
C SER A 94 4.59 -30.35 16.40
N PHE A 95 4.37 -29.42 15.48
CA PHE A 95 3.02 -28.98 15.09
C PHE A 95 2.07 -30.14 14.70
N PRO A 96 2.54 -31.13 13.92
CA PRO A 96 1.60 -32.17 13.51
C PRO A 96 0.93 -33.01 14.61
N VAL A 97 1.36 -32.91 15.86
CA VAL A 97 0.63 -33.54 16.98
C VAL A 97 -0.83 -33.04 16.99
N LEU A 98 -1.03 -31.81 16.50
CA LEU A 98 -2.36 -31.18 16.49
C LEU A 98 -3.33 -31.87 15.52
N PHE A 99 -2.79 -32.71 14.63
CA PHE A 99 -3.62 -33.50 13.69
C PHE A 99 -4.04 -34.86 14.25
N ASP A 100 -3.33 -35.32 15.29
CA ASP A 100 -3.45 -36.71 15.76
C ASP A 100 -4.59 -36.79 16.76
N VAL A 101 -5.70 -37.34 16.28
CA VAL A 101 -6.96 -37.40 17.02
C VAL A 101 -6.92 -38.43 18.18
N ASP A 102 -5.89 -39.28 18.21
CA ASP A 102 -5.60 -40.13 19.39
C ASP A 102 -4.77 -39.41 20.46
N LYS A 103 -4.24 -38.24 20.13
CA LYS A 103 -3.42 -37.50 21.09
C LYS A 103 -4.13 -36.24 21.56
N VAL A 104 -4.89 -35.60 20.67
CA VAL A 104 -5.60 -34.38 21.01
C VAL A 104 -7.13 -34.49 20.86
N GLU A 105 -7.86 -33.88 21.78
CA GLU A 105 -9.28 -33.71 21.62
C GLU A 105 -9.53 -32.42 20.84
N LYS A 106 -10.51 -32.45 19.93
CA LYS A 106 -10.83 -31.28 19.09
C LYS A 106 -12.29 -30.84 19.26
N LYS A 107 -12.68 -30.71 20.53
CA LYS A 107 -14.05 -30.37 20.88
C LYS A 107 -14.09 -28.91 21.28
N ASP A 108 -14.96 -28.13 20.63
CA ASP A 108 -15.24 -26.74 21.02
C ASP A 108 -14.03 -25.80 21.00
N LEU A 109 -13.05 -26.08 20.13
CA LEU A 109 -11.81 -25.28 20.10
C LEU A 109 -11.44 -24.80 18.67
N PHE A 110 -12.44 -24.84 17.80
CA PHE A 110 -12.32 -24.29 16.45
C PHE A 110 -11.83 -22.82 16.45
N THR A 111 -12.28 -22.04 17.43
CA THR A 111 -11.80 -20.65 17.61
C THR A 111 -10.84 -20.47 18.77
N GLY A 112 -10.39 -21.56 19.40
CA GLY A 112 -9.36 -21.44 20.41
C GLY A 112 -9.87 -21.70 21.81
N THR A 113 -9.48 -20.81 22.73
CA THR A 113 -9.75 -20.95 24.15
C THR A 113 -11.11 -20.43 24.60
N TYR A 114 -11.91 -19.94 23.64
CA TYR A 114 -13.32 -19.63 23.86
C TYR A 114 -14.10 -20.23 22.70
N MET A 115 -15.43 -20.31 22.86
CA MET A 115 -16.32 -20.71 21.77
C MET A 115 -17.43 -19.68 21.66
N PRO A 116 -17.68 -19.17 20.45
CA PRO A 116 -18.80 -18.24 20.24
C PRO A 116 -20.12 -18.88 20.68
N SER A 117 -21.03 -18.08 21.19
CA SER A 117 -22.32 -18.57 21.66
C SER A 117 -23.02 -19.40 20.57
N THR A 118 -23.63 -20.52 20.93
CA THR A 118 -24.45 -21.26 19.97
C THR A 118 -25.72 -20.49 19.57
N GLU A 119 -26.01 -19.35 20.21
CA GLU A 119 -27.07 -18.47 19.75
C GLU A 119 -26.73 -17.88 18.40
N LEU A 120 -25.44 -17.91 18.04
CA LEU A 120 -24.99 -17.44 16.76
C LEU A 120 -25.22 -18.47 15.64
N THR A 121 -25.52 -19.70 16.02
CA THR A 121 -25.60 -20.79 15.05
C THR A 121 -26.86 -21.65 15.32
N GLY A 122 -27.99 -20.97 15.50
CA GLY A 122 -29.30 -21.61 15.64
C GLY A 122 -29.48 -22.48 16.88
N GLY A 123 -28.59 -22.32 17.84
CA GLY A 123 -28.57 -23.12 19.06
C GLY A 123 -27.83 -24.46 18.92
N TYR A 124 -27.19 -24.69 17.78
CA TYR A 124 -26.48 -25.95 17.52
C TYR A 124 -24.97 -25.78 17.68
N ARG A 125 -24.30 -26.80 18.19
CA ARG A 125 -22.85 -26.93 18.06
C ARG A 125 -22.57 -27.46 16.66
N ILE A 126 -22.07 -26.57 15.80
CA ILE A 126 -21.82 -26.83 14.38
C ILE A 126 -20.64 -27.81 14.16
N LEU A 127 -20.59 -28.48 13.00
CA LEU A 127 -19.57 -29.49 12.69
C LEU A 127 -18.15 -29.10 13.09
N SER A 128 -17.74 -27.87 12.76
CA SER A 128 -16.37 -27.40 13.02
C SER A 128 -15.98 -27.53 14.50
N TYR A 129 -16.97 -27.55 15.41
CA TYR A 129 -16.69 -27.61 16.86
C TYR A 129 -16.76 -29.03 17.43
N LEU A 130 -17.13 -29.98 16.59
CA LEU A 130 -17.37 -31.37 17.06
C LEU A 130 -16.10 -32.22 17.00
N ASP A 131 -15.84 -32.97 18.07
CA ASP A 131 -14.76 -33.97 18.06
C ASP A 131 -15.19 -35.20 17.21
N PRO A 132 -14.24 -35.85 16.51
CA PRO A 132 -14.64 -37.03 15.71
C PRO A 132 -15.29 -38.16 16.52
N SER A 133 -15.12 -38.14 17.84
CA SER A 133 -15.78 -39.15 18.69
C SER A 133 -17.28 -38.90 18.83
N GLU A 134 -17.77 -37.78 18.30
CA GLU A 134 -19.21 -37.44 18.33
C GLU A 134 -19.86 -37.97 17.05
N PRO A 135 -20.92 -38.81 17.16
CA PRO A 135 -21.58 -39.40 15.99
C PRO A 135 -22.02 -38.40 14.90
N LYS A 136 -22.50 -37.23 15.30
CA LYS A 136 -22.91 -36.21 14.31
C LYS A 136 -21.73 -35.61 13.54
N HIS A 137 -20.50 -35.73 14.05
CA HIS A 137 -19.33 -35.33 13.27
C HIS A 137 -19.26 -36.13 11.97
N GLU A 138 -19.38 -37.45 12.07
CA GLU A 138 -19.36 -38.33 10.89
C GLU A 138 -20.51 -37.98 9.91
N LYS A 139 -21.72 -37.84 10.44
CA LYS A 139 -22.89 -37.52 9.61
C LYS A 139 -22.77 -36.18 8.86
N LEU A 140 -22.42 -35.13 9.60
CA LEU A 140 -22.33 -33.80 9.00
C LEU A 140 -21.17 -33.69 8.03
N LYS A 141 -20.04 -34.32 8.35
CA LYS A 141 -18.89 -34.24 7.41
C LYS A 141 -19.22 -35.01 6.12
N ASN A 142 -19.90 -36.14 6.24
CA ASN A 142 -20.42 -36.86 5.07
C ASN A 142 -21.37 -35.99 4.23
N LEU A 143 -22.23 -35.24 4.91
CA LEU A 143 -23.09 -34.25 4.22
C LEU A 143 -22.30 -33.25 3.33
N LEU A 144 -21.23 -32.69 3.88
CA LEU A 144 -20.41 -31.76 3.13
C LEU A 144 -19.63 -32.43 2.01
N PHE A 145 -19.13 -33.65 2.24
CA PHE A 145 -18.50 -34.43 1.14
C PHE A 145 -19.46 -34.60 -0.03
N PHE A 146 -20.72 -34.85 0.27
CA PHE A 146 -21.74 -35.00 -0.75
C PHE A 146 -22.01 -33.67 -1.45
N LEU A 147 -22.08 -32.59 -0.69
CA LEU A 147 -22.30 -31.26 -1.25
C LEU A 147 -21.22 -30.99 -2.32
N LEU A 148 -19.98 -31.26 -1.93
CA LEU A 148 -18.83 -30.98 -2.80
C LEU A 148 -18.84 -31.84 -4.05
N LYS A 149 -19.06 -33.14 -3.86
CA LYS A 149 -19.11 -34.09 -5.00
C LYS A 149 -20.26 -33.79 -5.96
N SER A 150 -21.43 -33.47 -5.42
CA SER A 150 -22.58 -33.24 -6.28
C SER A 150 -22.49 -31.92 -7.07
N SER A 151 -21.55 -31.06 -6.67
N SER A 151 -21.55 -31.07 -6.68
CA SER A 151 -21.36 -29.75 -7.29
CA SER A 151 -21.40 -29.78 -7.33
C SER A 151 -20.33 -29.83 -8.42
C SER A 151 -20.28 -29.82 -8.38
N ARG A 152 -19.76 -31.02 -8.62
CA ARG A 152 -18.52 -31.20 -9.43
C ARG A 152 -18.65 -30.70 -10.87
N ASN A 153 -19.84 -30.86 -11.45
CA ASN A 153 -20.05 -30.49 -12.85
C ASN A 153 -20.47 -29.04 -13.01
N ARG A 154 -20.69 -28.34 -11.90
CA ARG A 154 -21.08 -26.92 -11.92
C ARG A 154 -19.91 -26.00 -11.62
N ILE A 155 -18.86 -26.51 -10.99
CA ILE A 155 -17.79 -25.65 -10.48
C ILE A 155 -17.09 -24.92 -11.62
N PHE A 156 -16.67 -25.63 -12.68
CA PHE A 156 -15.94 -24.93 -13.76
C PHE A 156 -16.76 -23.82 -14.44
N PRO A 157 -17.97 -24.15 -14.97
CA PRO A 157 -18.70 -23.10 -15.67
C PRO A 157 -19.13 -21.95 -14.77
N GLU A 158 -19.49 -22.22 -13.50
CA GLU A 158 -19.94 -21.14 -12.62
C GLU A 158 -18.77 -20.25 -12.18
N PHE A 159 -17.63 -20.87 -11.89
CA PHE A 159 -16.43 -20.10 -11.61
C PHE A 159 -16.09 -19.17 -12.80
N GLN A 160 -16.03 -19.73 -14.01
N GLN A 160 -16.02 -19.74 -14.01
CA GLN A 160 -15.62 -18.95 -15.19
CA GLN A 160 -15.70 -18.97 -15.24
C GLN A 160 -16.60 -17.80 -15.50
C GLN A 160 -16.61 -17.76 -15.32
N ALA A 161 -17.91 -18.02 -15.29
CA ALA A 161 -18.91 -16.97 -15.50
C ALA A 161 -18.87 -15.86 -14.44
N THR A 162 -18.83 -16.23 -13.15
CA THR A 162 -18.82 -15.24 -12.07
C THR A 162 -17.52 -14.44 -12.04
N TYR A 163 -16.39 -15.12 -12.14
CA TYR A 163 -15.08 -14.44 -12.12
C TYR A 163 -14.83 -13.63 -13.39
N SER A 164 -15.41 -14.03 -14.52
CA SER A 164 -15.32 -13.20 -15.71
C SER A 164 -15.99 -11.84 -15.50
N GLU A 165 -17.17 -11.86 -14.87
CA GLU A 165 -17.88 -10.63 -14.52
C GLU A 165 -17.03 -9.78 -13.55
N LEU A 166 -16.39 -10.44 -12.59
CA LEU A 166 -15.48 -9.73 -11.65
C LEU A 166 -14.38 -8.98 -12.38
N PHE A 167 -13.64 -9.67 -13.24
CA PHE A 167 -12.57 -8.99 -13.98
C PHE A 167 -13.08 -7.89 -14.91
N ASP A 168 -14.25 -8.10 -15.51
CA ASP A 168 -14.94 -7.01 -16.21
C ASP A 168 -15.13 -5.77 -15.30
N SER A 169 -15.65 -5.98 -14.09
N SER A 169 -15.63 -6.00 -14.09
CA SER A 169 -15.86 -4.88 -13.15
CA SER A 169 -15.86 -4.91 -13.12
C SER A 169 -14.54 -4.20 -12.74
C SER A 169 -14.57 -4.22 -12.67
N LEU A 170 -13.50 -5.01 -12.51
CA LEU A 170 -12.19 -4.44 -12.13
C LEU A 170 -11.57 -3.60 -13.25
N GLU A 171 -11.73 -4.03 -14.50
CA GLU A 171 -11.29 -3.22 -15.65
C GLU A 171 -12.01 -1.89 -15.68
N LYS A 172 -13.34 -1.96 -15.59
CA LYS A 172 -14.19 -0.77 -15.48
C LYS A 172 -13.67 0.18 -14.37
N GLU A 173 -13.49 -0.36 -13.17
CA GLU A 173 -13.04 0.46 -12.06
C GLU A 173 -11.65 1.04 -12.28
N LEU A 174 -10.72 0.26 -12.83
CA LEU A 174 -9.37 0.74 -13.16
C LEU A 174 -9.45 1.90 -14.14
N SER A 175 -10.32 1.79 -15.17
CA SER A 175 -10.45 2.88 -16.13
C SER A 175 -10.96 4.19 -15.50
N LEU A 176 -11.81 4.07 -14.48
CA LEU A 176 -12.44 5.22 -13.84
C LEU A 176 -11.50 5.87 -12.81
N LYS A 177 -10.82 5.03 -12.03
CA LYS A 177 -10.13 5.46 -10.80
C LYS A 177 -8.60 5.37 -10.84
N GLY A 178 -8.05 4.69 -11.84
CA GLY A 178 -6.62 4.43 -11.86
C GLY A 178 -6.20 3.32 -10.90
N LYS A 179 -7.15 2.76 -10.17
CA LYS A 179 -6.92 1.55 -9.37
C LYS A 179 -8.24 0.85 -9.12
N ALA A 180 -8.20 -0.46 -8.88
CA ALA A 180 -9.42 -1.22 -8.66
C ALA A 180 -9.32 -2.06 -7.40
N ASP A 181 -10.22 -1.81 -6.45
CA ASP A 181 -10.25 -2.47 -5.15
C ASP A 181 -10.67 -3.93 -5.33
N PHE A 182 -9.75 -4.86 -5.10
CA PHE A 182 -10.08 -6.26 -5.37
C PHE A 182 -11.17 -6.76 -4.42
N GLY A 183 -10.91 -6.65 -3.12
CA GLY A 183 -11.83 -7.16 -2.09
C GLY A 183 -13.25 -6.66 -2.15
N GLY A 184 -13.40 -5.38 -2.49
CA GLY A 184 -14.69 -4.73 -2.56
C GLY A 184 -15.68 -5.30 -3.57
N SER A 185 -15.17 -5.97 -4.62
CA SER A 185 -16.03 -6.63 -5.59
C SER A 185 -15.96 -8.13 -5.45
N SER A 186 -14.77 -8.62 -5.09
CA SER A 186 -14.55 -10.07 -5.07
C SER A 186 -15.32 -10.82 -4.01
N ASP A 187 -15.69 -10.14 -2.92
CA ASP A 187 -16.52 -10.78 -1.86
C ASP A 187 -17.92 -11.18 -2.37
N GLY A 188 -18.55 -10.28 -3.12
CA GLY A 188 -19.82 -10.60 -3.81
C GLY A 188 -19.65 -11.73 -4.83
N THR A 189 -18.57 -11.68 -5.61
CA THR A 189 -18.32 -12.68 -6.66
C THR A 189 -18.24 -14.07 -6.03
N ALA A 190 -17.49 -14.17 -4.95
CA ALA A 190 -17.24 -15.45 -4.29
C ALA A 190 -18.56 -15.99 -3.78
N PHE A 191 -19.40 -15.14 -3.18
CA PHE A 191 -20.67 -15.68 -2.67
C PHE A 191 -21.60 -16.11 -3.81
N ASN A 192 -21.67 -15.30 -4.86
CA ASN A 192 -22.46 -15.67 -6.04
C ASN A 192 -21.98 -16.99 -6.65
N PHE A 193 -20.66 -17.12 -6.81
CA PHE A 193 -20.07 -18.35 -7.29
C PHE A 193 -20.50 -19.57 -6.45
N LEU A 194 -20.34 -19.46 -5.13
CA LEU A 194 -20.73 -20.56 -4.21
C LEU A 194 -22.22 -20.91 -4.30
N ALA A 195 -23.08 -19.89 -4.30
CA ALA A 195 -24.52 -20.11 -4.42
C ALA A 195 -24.88 -20.85 -5.72
N ARG A 196 -24.25 -20.45 -6.83
CA ARG A 196 -24.52 -21.06 -8.12
C ARG A 196 -23.92 -22.48 -8.23
N ALA A 197 -22.67 -22.63 -7.81
CA ALA A 197 -21.98 -23.93 -7.85
C ALA A 197 -22.58 -24.98 -6.88
N PHE A 198 -22.81 -24.59 -5.63
CA PHE A 198 -23.31 -25.53 -4.62
C PHE A 198 -24.80 -25.80 -4.72
N TYR A 199 -25.59 -24.76 -5.04
CA TYR A 199 -27.06 -24.84 -4.90
C TYR A 199 -27.81 -24.48 -6.18
N GLY A 200 -27.08 -24.27 -7.27
CA GLY A 200 -27.65 -23.88 -8.56
C GLY A 200 -28.55 -22.65 -8.47
N THR A 201 -28.21 -21.74 -7.56
CA THR A 201 -29.03 -20.59 -7.22
C THR A 201 -28.25 -19.29 -7.39
N ASN A 202 -28.83 -18.35 -8.13
CA ASN A 202 -28.26 -17.02 -8.27
C ASN A 202 -28.86 -16.11 -7.17
N PRO A 203 -28.03 -15.61 -6.24
CA PRO A 203 -28.60 -14.78 -5.16
C PRO A 203 -29.36 -13.55 -5.67
N ALA A 204 -28.98 -13.06 -6.85
CA ALA A 204 -29.69 -11.95 -7.49
C ALA A 204 -31.17 -12.28 -7.76
N ASP A 205 -31.50 -13.57 -7.80
CA ASP A 205 -32.87 -14.03 -8.06
C ASP A 205 -33.66 -14.26 -6.77
N THR A 206 -33.03 -13.94 -5.63
CA THR A 206 -33.63 -14.18 -4.33
C THR A 206 -33.72 -12.89 -3.50
N LYS A 207 -34.31 -13.02 -2.31
CA LYS A 207 -34.42 -11.92 -1.37
C LYS A 207 -33.07 -11.45 -0.81
N LEU A 208 -32.04 -12.29 -0.90
CA LEU A 208 -30.70 -11.87 -0.49
C LEU A 208 -30.16 -10.77 -1.38
N LYS A 209 -30.59 -10.76 -2.64
CA LYS A 209 -30.11 -9.80 -3.65
C LYS A 209 -28.56 -9.77 -3.65
N ALA A 210 -27.97 -8.61 -3.40
CA ALA A 210 -26.51 -8.49 -3.30
C ALA A 210 -26.02 -8.28 -1.85
N ASP A 211 -26.89 -8.53 -0.88
CA ASP A 211 -26.59 -8.25 0.55
C ASP A 211 -25.76 -9.28 1.31
N ALA A 212 -25.55 -10.46 0.75
CA ALA A 212 -24.86 -11.52 1.49
C ALA A 212 -23.48 -11.17 2.10
N PRO A 213 -22.58 -10.53 1.32
CA PRO A 213 -21.27 -10.20 1.91
C PRO A 213 -21.36 -9.35 3.18
N GLY A 214 -22.20 -8.32 3.15
CA GLY A 214 -22.44 -7.50 4.36
C GLY A 214 -23.01 -8.28 5.55
N LEU A 215 -23.95 -9.16 5.26
CA LEU A 215 -24.59 -9.98 6.31
C LEU A 215 -23.58 -10.95 6.93
N ILE A 216 -22.85 -11.63 6.06
CA ILE A 216 -21.86 -12.63 6.53
C ILE A 216 -20.74 -11.92 7.29
N THR A 217 -20.25 -10.80 6.76
CA THR A 217 -19.18 -10.08 7.44
C THR A 217 -19.54 -9.70 8.90
N LYS A 218 -20.74 -9.16 9.11
CA LYS A 218 -21.17 -8.80 10.44
C LYS A 218 -21.25 -10.04 11.35
N TRP A 219 -21.82 -11.11 10.81
CA TRP A 219 -22.03 -12.32 11.59
C TRP A 219 -20.67 -12.93 11.98
N VAL A 220 -19.73 -12.94 11.05
CA VAL A 220 -18.38 -13.45 11.32
C VAL A 220 -17.73 -12.59 12.38
N LEU A 221 -17.87 -11.26 12.28
CA LEU A 221 -17.32 -10.34 13.31
C LEU A 221 -17.87 -10.68 14.69
N PHE A 222 -19.17 -10.99 14.78
CA PHE A 222 -19.72 -11.37 16.08
C PHE A 222 -19.12 -12.66 16.62
N ASN A 223 -18.67 -13.53 15.72
CA ASN A 223 -17.97 -14.77 16.11
C ASN A 223 -16.51 -14.53 16.50
N LEU A 224 -15.81 -13.71 15.71
CA LEU A 224 -14.34 -13.61 15.80
C LEU A 224 -13.73 -12.37 16.45
N HIS A 225 -14.55 -11.37 16.77
CA HIS A 225 -14.04 -10.10 17.31
C HIS A 225 -12.99 -10.22 18.42
N PRO A 226 -13.09 -11.24 19.33
CA PRO A 226 -12.07 -11.33 20.43
C PRO A 226 -10.64 -11.63 19.96
N LEU A 227 -10.51 -12.13 18.73
CA LEU A 227 -9.24 -12.50 18.12
C LEU A 227 -8.71 -11.48 17.11
N LEU A 228 -9.45 -10.39 16.89
CA LEU A 228 -9.19 -9.48 15.79
C LEU A 228 -8.90 -8.05 16.26
N SER A 229 -8.14 -7.32 15.45
CA SER A 229 -7.98 -5.87 15.62
C SER A 229 -8.36 -5.19 14.31
N ILE A 230 -8.96 -4.00 14.41
N ILE A 230 -9.01 -4.02 14.40
CA ILE A 230 -9.39 -3.20 13.25
CA ILE A 230 -9.34 -3.21 13.23
C ILE A 230 -8.51 -1.96 13.03
C ILE A 230 -8.19 -2.27 12.90
N GLY A 231 -7.55 -1.73 13.93
CA GLY A 231 -6.58 -0.66 13.78
C GLY A 231 -6.97 0.57 14.58
N LEU A 232 -8.09 0.47 15.29
CA LEU A 232 -8.54 1.51 16.20
C LEU A 232 -7.61 1.51 17.39
N PRO A 233 -7.47 2.67 18.09
CA PRO A 233 -6.66 2.75 19.30
C PRO A 233 -7.04 1.67 20.30
N ARG A 234 -6.04 1.14 21.03
CA ARG A 234 -6.30 0.11 22.01
C ARG A 234 -7.25 0.58 23.11
N VAL A 235 -7.30 1.89 23.34
CA VAL A 235 -8.20 2.45 24.36
C VAL A 235 -9.67 2.26 23.97
N ILE A 236 -9.94 2.31 22.68
CA ILE A 236 -11.27 2.00 22.15
C ILE A 236 -11.48 0.48 22.00
N GLU A 237 -10.55 -0.20 21.32
CA GLU A 237 -10.70 -1.63 20.99
C GLU A 237 -10.80 -2.54 22.20
N GLU A 238 -9.92 -2.35 23.18
CA GLU A 238 -9.85 -3.26 24.32
C GLU A 238 -11.20 -3.43 25.04
N PRO A 239 -11.85 -2.33 25.47
CA PRO A 239 -13.15 -2.43 26.13
C PRO A 239 -14.29 -2.90 25.25
N LEU A 240 -14.24 -2.52 23.97
CA LEU A 240 -15.34 -2.73 23.01
C LEU A 240 -15.36 -4.11 22.35
N ILE A 241 -14.19 -4.65 21.98
CA ILE A 241 -14.14 -5.95 21.33
C ILE A 241 -13.25 -7.03 21.98
N HIS A 242 -12.44 -6.67 22.98
CA HIS A 242 -11.51 -7.66 23.53
C HIS A 242 -11.79 -8.15 24.94
N THR A 243 -12.87 -7.63 25.56
CA THR A 243 -13.13 -7.86 26.98
C THR A 243 -14.38 -8.69 27.23
N PHE A 244 -15.44 -8.40 26.47
CA PHE A 244 -16.72 -9.09 26.58
C PHE A 244 -17.21 -9.51 25.18
N SER A 245 -18.06 -10.52 25.13
CA SER A 245 -18.69 -10.93 23.86
C SER A 245 -19.69 -9.91 23.36
N LEU A 246 -19.66 -9.63 22.05
CA LEU A 246 -20.76 -8.87 21.44
C LEU A 246 -22.06 -9.68 21.53
N PRO A 247 -23.18 -9.02 21.85
CA PRO A 247 -24.42 -9.78 22.08
C PRO A 247 -25.00 -10.41 20.78
N PRO A 248 -25.19 -11.74 20.76
CA PRO A 248 -25.68 -12.37 19.51
C PRO A 248 -27.04 -11.83 19.02
N ALA A 249 -27.86 -11.30 19.95
CA ALA A 249 -29.18 -10.77 19.60
C ALA A 249 -29.10 -9.74 18.47
N LEU A 250 -28.00 -8.97 18.45
CA LEU A 250 -27.82 -7.89 17.48
C LEU A 250 -27.55 -8.35 16.04
N VAL A 251 -27.27 -9.64 15.86
CA VAL A 251 -27.04 -10.15 14.51
C VAL A 251 -28.08 -11.22 14.13
N LYS A 252 -29.05 -11.45 15.00
CA LYS A 252 -30.00 -12.56 14.79
C LYS A 252 -30.83 -12.40 13.51
N SER A 253 -31.30 -11.17 13.27
CA SER A 253 -32.10 -10.86 12.10
C SER A 253 -31.29 -11.01 10.81
N ASP A 254 -30.03 -10.54 10.82
CA ASP A 254 -29.13 -10.76 9.69
C ASP A 254 -28.94 -12.25 9.40
N TYR A 255 -28.76 -13.02 10.47
CA TYR A 255 -28.52 -14.46 10.37
C TYR A 255 -29.75 -15.14 9.82
N GLN A 256 -30.91 -14.64 10.20
CA GLN A 256 -32.15 -15.22 9.73
C GLN A 256 -32.35 -15.08 8.22
N ARG A 257 -31.87 -13.97 7.64
CA ARG A 257 -31.95 -13.79 6.18
C ARG A 257 -31.10 -14.84 5.45
N LEU A 258 -29.91 -15.11 6.00
CA LEU A 258 -29.03 -16.13 5.45
C LEU A 258 -29.65 -17.52 5.58
N TYR A 259 -30.15 -17.83 6.79
CA TYR A 259 -30.84 -19.11 7.03
C TYR A 259 -31.97 -19.36 6.02
N GLU A 260 -32.85 -18.37 5.82
N GLU A 260 -32.84 -18.36 5.85
CA GLU A 260 -33.97 -18.57 4.89
CA GLU A 260 -33.96 -18.42 4.88
C GLU A 260 -33.48 -18.80 3.45
C GLU A 260 -33.43 -18.85 3.52
N PHE A 261 -32.34 -18.19 3.09
CA PHE A 261 -31.71 -18.44 1.81
C PHE A 261 -31.26 -19.89 1.66
N PHE A 262 -30.59 -20.41 2.67
CA PHE A 262 -30.08 -21.77 2.63
C PHE A 262 -31.20 -22.80 2.70
N LEU A 263 -32.17 -22.54 3.56
CA LEU A 263 -33.32 -23.44 3.65
C LEU A 263 -34.04 -23.58 2.29
N GLU A 264 -34.28 -22.46 1.62
CA GLU A 264 -35.01 -22.47 0.36
C GLU A 264 -34.19 -22.89 -0.87
N SER A 265 -32.86 -22.75 -0.80
CA SER A 265 -32.00 -23.01 -1.95
C SER A 265 -31.36 -24.38 -1.93
N ALA A 266 -31.29 -25.01 -0.76
CA ALA A 266 -30.49 -26.24 -0.62
C ALA A 266 -31.27 -27.54 -0.76
N GLY A 267 -32.40 -27.52 -1.47
CA GLY A 267 -33.30 -28.67 -1.58
C GLY A 267 -32.68 -30.01 -1.89
N GLU A 268 -31.88 -30.07 -2.95
CA GLU A 268 -31.25 -31.34 -3.33
C GLU A 268 -30.30 -31.86 -2.24
N ILE A 269 -29.54 -30.95 -1.65
CA ILE A 269 -28.61 -31.33 -0.57
C ILE A 269 -29.38 -31.80 0.68
N LEU A 270 -30.52 -31.18 0.94
CA LEU A 270 -31.33 -31.53 2.12
C LEU A 270 -31.95 -32.93 1.99
N VAL A 271 -32.17 -33.38 0.75
CA VAL A 271 -32.58 -34.76 0.51
C VAL A 271 -31.52 -35.72 1.00
N GLU A 272 -30.26 -35.41 0.72
CA GLU A 272 -29.18 -36.27 1.20
C GLU A 272 -29.02 -36.17 2.71
N ALA A 273 -29.24 -35.00 3.29
CA ALA A 273 -29.21 -34.87 4.75
C ALA A 273 -30.25 -35.81 5.38
N ASP A 274 -31.44 -35.86 4.77
CA ASP A 274 -32.53 -36.74 5.21
C ASP A 274 -32.06 -38.19 5.22
N LYS A 275 -31.46 -38.65 4.12
CA LYS A 275 -30.86 -39.99 4.00
C LYS A 275 -29.77 -40.30 5.04
N LEU A 276 -28.96 -39.30 5.38
CA LEU A 276 -27.88 -39.46 6.36
C LEU A 276 -28.37 -39.42 7.81
N GLY A 277 -29.66 -39.14 8.00
CA GLY A 277 -30.24 -39.07 9.32
C GLY A 277 -29.90 -37.77 10.04
N ILE A 278 -29.94 -36.66 9.31
CA ILE A 278 -29.72 -35.33 9.88
C ILE A 278 -31.00 -34.52 9.76
N SER A 279 -31.42 -33.83 10.83
CA SER A 279 -32.63 -32.99 10.73
C SER A 279 -32.44 -31.87 9.69
N ARG A 280 -33.55 -31.49 9.06
CA ARG A 280 -33.54 -30.40 8.08
C ARG A 280 -32.96 -29.11 8.69
N GLU A 281 -33.41 -28.79 9.90
CA GLU A 281 -32.91 -27.61 10.62
C GLU A 281 -31.41 -27.70 10.91
N GLU A 282 -30.95 -28.82 11.47
CA GLU A 282 -29.51 -28.94 11.79
C GLU A 282 -28.67 -28.88 10.52
N ALA A 283 -29.13 -29.61 9.50
CA ALA A 283 -28.47 -29.60 8.19
C ALA A 283 -28.33 -28.17 7.66
N THR A 284 -29.41 -27.40 7.72
CA THR A 284 -29.42 -26.03 7.17
C THR A 284 -28.42 -25.07 7.88
N HIS A 285 -28.42 -25.07 9.21
CA HIS A 285 -27.44 -24.31 9.99
C HIS A 285 -26.01 -24.73 9.61
N ASN A 286 -25.80 -26.04 9.43
CA ASN A 286 -24.48 -26.54 9.03
C ASN A 286 -24.05 -26.16 7.62
N LEU A 287 -25.02 -26.15 6.70
CA LEU A 287 -24.73 -25.72 5.32
C LEU A 287 -24.42 -24.23 5.28
N LEU A 288 -25.19 -23.45 6.05
CA LEU A 288 -24.95 -22.02 6.18
C LEU A 288 -23.52 -21.78 6.70
N PHE A 289 -23.17 -22.46 7.79
CA PHE A 289 -21.83 -22.33 8.36
C PHE A 289 -20.70 -22.72 7.39
N ALA A 290 -20.82 -23.90 6.77
CA ALA A 290 -19.77 -24.39 5.86
C ALA A 290 -19.60 -23.46 4.66
N THR A 291 -20.71 -22.92 4.19
CA THR A 291 -20.70 -22.08 2.98
C THR A 291 -20.22 -20.65 3.28
N CYS A 292 -20.77 -20.06 4.34
CA CYS A 292 -20.47 -18.66 4.72
C CYS A 292 -19.20 -18.50 5.54
N PHE A 293 -19.04 -19.34 6.56
CA PHE A 293 -17.90 -19.19 7.46
C PHE A 293 -16.68 -19.90 6.87
N ASN A 294 -16.75 -21.24 6.74
CA ASN A 294 -15.57 -22.00 6.27
C ASN A 294 -15.17 -21.60 4.84
N THR A 295 -16.10 -21.70 3.89
CA THR A 295 -15.75 -21.51 2.47
C THR A 295 -15.55 -20.02 2.11
N TRP A 296 -16.60 -19.24 2.23
CA TRP A 296 -16.54 -17.82 1.83
C TRP A 296 -15.55 -17.03 2.68
N GLY A 297 -15.58 -17.26 3.99
CA GLY A 297 -14.60 -16.63 4.88
C GLY A 297 -13.16 -16.97 4.53
N GLY A 298 -12.91 -18.26 4.25
CA GLY A 298 -11.60 -18.77 3.82
C GLY A 298 -11.15 -18.10 2.53
N MET A 299 -12.04 -18.06 1.53
CA MET A 299 -11.76 -17.42 0.24
C MET A 299 -11.52 -15.92 0.38
N LYS A 300 -12.23 -15.30 1.31
CA LYS A 300 -12.08 -13.86 1.57
C LYS A 300 -10.66 -13.52 2.01
N ILE A 301 -10.01 -14.44 2.72
CA ILE A 301 -8.61 -14.25 3.14
C ILE A 301 -7.66 -14.68 2.01
N LEU A 302 -7.90 -15.87 1.47
CA LEU A 302 -6.97 -16.50 0.51
C LEU A 302 -6.80 -15.70 -0.79
N PHE A 303 -7.91 -15.35 -1.44
CA PHE A 303 -7.79 -14.78 -2.81
C PHE A 303 -7.00 -13.45 -2.85
N PRO A 304 -7.35 -12.47 -1.95
CA PRO A 304 -6.53 -11.23 -1.88
C PRO A 304 -5.06 -11.52 -1.57
N ASN A 305 -4.79 -12.49 -0.67
CA ASN A 305 -3.41 -12.88 -0.35
C ASN A 305 -2.69 -13.42 -1.57
N MET A 306 -3.41 -14.20 -2.37
CA MET A 306 -2.85 -14.77 -3.60
C MET A 306 -2.51 -13.67 -4.58
N VAL A 307 -3.42 -12.71 -4.72
CA VAL A 307 -3.19 -11.59 -5.65
C VAL A 307 -1.95 -10.79 -5.19
N LYS A 308 -1.84 -10.55 -3.88
CA LYS A 308 -0.67 -9.87 -3.30
C LYS A 308 0.64 -10.61 -3.60
N ARG A 309 0.72 -11.92 -3.29
CA ARG A 309 1.98 -12.66 -3.39
C ARG A 309 2.37 -12.91 -4.83
N ILE A 310 1.38 -13.25 -5.65
CA ILE A 310 1.62 -13.44 -7.08
C ILE A 310 2.01 -12.09 -7.72
N GLY A 311 1.32 -11.02 -7.34
CA GLY A 311 1.72 -9.67 -7.78
C GLY A 311 3.19 -9.35 -7.46
N ARG A 312 3.58 -9.64 -6.21
CA ARG A 312 4.97 -9.40 -5.76
C ARG A 312 6.01 -10.28 -6.45
N ALA A 313 5.60 -11.46 -6.94
CA ALA A 313 6.50 -12.36 -7.68
C ALA A 313 7.06 -11.76 -8.99
N GLY A 314 6.37 -10.78 -9.56
CA GLY A 314 6.95 -9.99 -10.65
C GLY A 314 6.50 -10.46 -12.01
N HIS A 315 6.74 -9.62 -13.01
CA HIS A 315 6.20 -9.82 -14.35
C HIS A 315 6.78 -11.02 -15.11
N GLN A 316 8.03 -11.37 -14.84
CA GLN A 316 8.62 -12.57 -15.45
C GLN A 316 7.86 -13.84 -15.07
N VAL A 317 7.54 -13.95 -13.78
CA VAL A 317 6.67 -15.02 -13.26
C VAL A 317 5.27 -14.95 -13.90
N HIS A 318 4.68 -13.75 -13.99
CA HIS A 318 3.37 -13.61 -14.61
C HIS A 318 3.40 -14.14 -16.02
N ASN A 319 4.40 -13.71 -16.80
CA ASN A 319 4.57 -14.14 -18.17
C ASN A 319 4.71 -15.68 -18.31
N ARG A 320 5.44 -16.30 -17.39
CA ARG A 320 5.63 -17.77 -17.42
C ARG A 320 4.32 -18.49 -17.11
N LEU A 321 3.56 -17.95 -16.16
CA LEU A 321 2.24 -18.48 -15.84
C LEU A 321 1.29 -18.34 -17.02
N ALA A 322 1.24 -17.16 -17.64
CA ALA A 322 0.39 -16.93 -18.82
C ALA A 322 0.73 -17.90 -19.95
N GLU A 323 2.03 -18.05 -20.20
CA GLU A 323 2.52 -18.94 -21.23
C GLU A 323 2.13 -20.41 -21.01
N GLU A 324 2.35 -20.90 -19.80
CA GLU A 324 1.95 -22.26 -19.42
C GLU A 324 0.44 -22.48 -19.52
N ILE A 325 -0.32 -21.58 -18.89
CA ILE A 325 -1.77 -21.72 -18.84
C ILE A 325 -2.37 -21.70 -20.25
N ARG A 326 -1.95 -20.73 -21.07
CA ARG A 326 -2.51 -20.60 -22.42
C ARG A 326 -2.13 -21.77 -23.34
N SER A 327 -0.86 -22.19 -23.25
N SER A 327 -0.88 -22.23 -23.22
CA SER A 327 -0.35 -23.32 -24.03
CA SER A 327 -0.37 -23.32 -24.06
C SER A 327 -1.11 -24.59 -23.71
C SER A 327 -0.98 -24.68 -23.70
N VAL A 328 -1.25 -24.88 -22.41
CA VAL A 328 -2.01 -26.05 -21.95
C VAL A 328 -3.46 -26.03 -22.41
N ILE A 329 -4.14 -24.88 -22.26
CA ILE A 329 -5.54 -24.80 -22.69
C ILE A 329 -5.66 -25.03 -24.20
N LYS A 330 -4.70 -24.48 -24.96
CA LYS A 330 -4.63 -24.69 -26.43
C LYS A 330 -4.41 -26.16 -26.78
N SER A 331 -3.51 -26.83 -26.05
CA SER A 331 -3.29 -28.29 -26.20
C SER A 331 -4.56 -29.11 -25.91
N ASN A 332 -5.48 -28.52 -25.14
CA ASN A 332 -6.70 -29.17 -24.70
C ASN A 332 -7.92 -28.71 -25.53
N GLY A 333 -7.64 -28.16 -26.71
CA GLY A 333 -8.69 -27.75 -27.65
C GLY A 333 -9.57 -26.63 -27.12
N GLY A 334 -9.01 -25.81 -26.23
CA GLY A 334 -9.72 -24.67 -25.62
C GLY A 334 -10.64 -25.01 -24.46
N GLU A 335 -10.69 -26.29 -24.08
CA GLU A 335 -11.55 -26.77 -23.01
C GLU A 335 -10.73 -26.87 -21.74
N LEU A 336 -11.14 -26.11 -20.71
CA LEU A 336 -10.47 -26.21 -19.44
C LEU A 336 -11.09 -27.39 -18.67
N THR A 337 -10.25 -28.34 -18.27
CA THR A 337 -10.73 -29.56 -17.58
C THR A 337 -9.80 -29.91 -16.42
N MET A 338 -10.20 -30.86 -15.58
CA MET A 338 -9.34 -31.26 -14.46
C MET A 338 -8.01 -31.82 -14.96
N GLY A 339 -8.07 -32.66 -15.99
CA GLY A 339 -6.84 -33.24 -16.59
C GLY A 339 -5.91 -32.17 -17.15
N ALA A 340 -6.47 -31.14 -17.81
CA ALA A 340 -5.64 -30.05 -18.30
C ALA A 340 -4.92 -29.36 -17.14
N ILE A 341 -5.62 -29.12 -16.03
CA ILE A 341 -5.00 -28.47 -14.85
C ILE A 341 -3.77 -29.26 -14.34
N GLU A 342 -3.85 -30.59 -14.37
CA GLU A 342 -2.69 -31.42 -13.99
C GLU A 342 -1.41 -31.20 -14.81
N LYS A 343 -1.58 -30.70 -16.04
CA LYS A 343 -0.43 -30.35 -16.89
C LYS A 343 0.25 -29.02 -16.53
N MET A 344 -0.45 -28.21 -15.72
CA MET A 344 -0.03 -26.84 -15.41
C MET A 344 0.88 -26.84 -14.19
N GLU A 345 2.14 -27.28 -14.38
CA GLU A 345 3.02 -27.54 -13.24
C GLU A 345 3.30 -26.30 -12.41
N LEU A 346 3.58 -25.19 -13.11
CA LEU A 346 3.92 -23.96 -12.40
C LEU A 346 2.70 -23.42 -11.65
N THR A 347 1.54 -23.51 -12.28
CA THR A 347 0.27 -23.09 -11.67
C THR A 347 -0.02 -23.85 -10.38
N LYS A 348 0.09 -25.16 -10.43
CA LYS A 348 -0.15 -26.00 -9.25
C LYS A 348 0.84 -25.61 -8.16
N SER A 349 2.10 -25.42 -8.55
CA SER A 349 3.13 -25.12 -7.57
C SER A 349 2.90 -23.75 -6.92
N VAL A 350 2.51 -22.75 -7.72
CA VAL A 350 2.30 -21.38 -7.21
C VAL A 350 1.15 -21.39 -6.17
N VAL A 351 0.11 -22.18 -6.45
CA VAL A 351 -1.03 -22.29 -5.49
C VAL A 351 -0.56 -22.93 -4.17
N TYR A 352 0.19 -24.01 -4.27
CA TYR A 352 0.70 -24.63 -3.05
C TYR A 352 1.63 -23.66 -2.29
N GLU A 353 2.42 -22.89 -3.03
CA GLU A 353 3.33 -21.95 -2.40
C GLU A 353 2.60 -20.80 -1.71
N CYS A 354 1.48 -20.33 -2.28
CA CYS A 354 0.61 -19.38 -1.54
C CYS A 354 0.13 -19.97 -0.21
N LEU A 355 -0.28 -21.24 -0.24
CA LEU A 355 -0.84 -21.89 0.93
C LEU A 355 0.25 -22.21 1.97
N ARG A 356 1.46 -22.46 1.49
CA ARG A 356 2.60 -22.67 2.40
C ARG A 356 3.03 -21.36 3.06
N PHE A 357 3.16 -20.32 2.22
CA PHE A 357 3.81 -19.11 2.64
C PHE A 357 2.91 -18.34 3.60
N GLU A 358 1.61 -18.35 3.31
CA GLU A 358 0.64 -17.61 4.08
C GLU A 358 -0.62 -18.43 4.28
N PRO A 359 -0.56 -19.43 5.18
CA PRO A 359 -1.76 -20.23 5.46
C PRO A 359 -2.90 -19.26 5.82
N PRO A 360 -4.05 -19.37 5.13
CA PRO A 360 -5.10 -18.36 5.42
C PRO A 360 -5.66 -18.41 6.83
N VAL A 361 -5.74 -19.62 7.40
CA VAL A 361 -6.22 -19.79 8.75
C VAL A 361 -5.04 -20.26 9.61
N THR A 362 -4.57 -19.40 10.51
CA THR A 362 -3.23 -19.61 11.09
C THR A 362 -3.24 -20.31 12.45
N ALA A 363 -4.38 -20.31 13.13
CA ALA A 363 -4.40 -20.78 14.53
C ALA A 363 -5.07 -22.13 14.63
N GLN A 364 -4.32 -23.17 15.04
CA GLN A 364 -4.94 -24.48 15.28
C GLN A 364 -4.69 -24.86 16.74
N TYR A 365 -5.69 -25.42 17.39
CA TYR A 365 -5.61 -25.83 18.79
C TYR A 365 -5.99 -27.31 18.95
N GLY A 366 -5.52 -27.90 20.04
CA GLY A 366 -5.93 -29.25 20.45
C GLY A 366 -5.63 -29.43 21.93
N ARG A 367 -6.51 -30.14 22.63
CA ARG A 367 -6.30 -30.43 24.06
C ARG A 367 -5.73 -31.83 24.24
N ALA A 368 -4.59 -31.96 24.92
CA ALA A 368 -3.97 -33.28 25.13
C ALA A 368 -4.98 -34.21 25.84
N LYS A 369 -5.18 -35.39 25.26
CA LYS A 369 -6.14 -36.40 25.78
C LYS A 369 -5.49 -37.23 26.86
N LYS A 370 -4.17 -37.27 26.81
CA LYS A 370 -3.37 -38.12 27.69
C LYS A 370 -2.01 -37.45 27.80
N ASP A 371 -1.16 -37.95 28.70
CA ASP A 371 0.21 -37.43 28.78
C ASP A 371 0.91 -37.72 27.44
N LEU A 372 1.62 -36.70 26.91
CA LEU A 372 2.28 -36.82 25.60
C LEU A 372 3.75 -36.46 25.71
N VAL A 373 4.56 -37.01 24.81
CA VAL A 373 5.93 -36.55 24.62
C VAL A 373 5.96 -35.96 23.21
N ILE A 374 6.19 -34.65 23.13
CA ILE A 374 6.15 -33.93 21.88
C ILE A 374 7.59 -33.65 21.44
N GLU A 375 7.95 -34.13 20.26
CA GLU A 375 9.31 -33.95 19.75
C GLU A 375 9.39 -32.69 18.89
N SER A 376 10.37 -31.82 19.19
N SER A 376 10.39 -31.87 19.17
CA SER A 376 10.74 -30.72 18.31
CA SER A 376 10.72 -30.76 18.32
C SER A 376 12.00 -31.13 17.55
C SER A 376 12.03 -31.13 17.60
N HIS A 377 12.70 -30.17 16.95
CA HIS A 377 13.95 -30.49 16.23
C HIS A 377 15.12 -30.91 17.13
N ASP A 378 15.29 -30.27 18.28
CA ASP A 378 16.48 -30.50 19.11
C ASP A 378 16.20 -30.98 20.56
N ALA A 379 14.93 -31.07 20.92
CA ALA A 379 14.52 -31.56 22.24
C ALA A 379 13.12 -32.15 22.20
N ALA A 380 12.80 -32.93 23.22
CA ALA A 380 11.44 -33.40 23.42
C ALA A 380 10.87 -32.79 24.72
N PHE A 381 9.56 -32.69 24.79
CA PHE A 381 8.91 -31.98 25.89
C PHE A 381 7.73 -32.83 26.37
N LYS A 382 7.50 -32.87 27.67
CA LYS A 382 6.39 -33.63 28.19
C LYS A 382 5.22 -32.73 28.53
N VAL A 383 4.04 -33.06 28.01
CA VAL A 383 2.81 -32.35 28.36
C VAL A 383 1.82 -33.29 29.04
N LYS A 384 1.09 -32.73 29.99
CA LYS A 384 0.12 -33.48 30.78
C LYS A 384 -1.23 -33.48 30.09
N ALA A 385 -1.98 -34.58 30.28
CA ALA A 385 -3.39 -34.64 29.89
C ALA A 385 -4.11 -33.38 30.35
N GLY A 386 -4.92 -32.82 29.44
CA GLY A 386 -5.69 -31.59 29.75
C GLY A 386 -5.03 -30.28 29.30
N GLU A 387 -3.73 -30.32 28.98
CA GLU A 387 -3.07 -29.10 28.52
C GLU A 387 -3.55 -28.67 27.15
N MET A 388 -3.72 -27.37 26.98
CA MET A 388 -4.15 -26.85 25.69
C MET A 388 -2.92 -26.63 24.82
N LEU A 389 -2.90 -27.26 23.66
CA LEU A 389 -1.81 -27.05 22.70
C LEU A 389 -2.28 -26.09 21.62
N TYR A 390 -1.32 -25.33 21.10
CA TYR A 390 -1.62 -24.30 20.12
C TYR A 390 -0.48 -24.25 19.11
N GLY A 391 -0.83 -24.09 17.85
CA GLY A 391 0.16 -23.95 16.79
C GLY A 391 -0.16 -22.72 15.96
N TYR A 392 0.86 -21.90 15.73
CA TYR A 392 0.75 -20.77 14.80
C TYR A 392 1.31 -21.32 13.46
N GLN A 393 0.41 -21.67 12.55
CA GLN A 393 0.82 -22.45 11.38
C GLN A 393 1.96 -21.88 10.54
N PRO A 394 2.00 -20.56 10.28
CA PRO A 394 3.11 -20.05 9.41
C PRO A 394 4.51 -20.38 9.94
N LEU A 395 4.65 -20.57 11.25
CA LEU A 395 5.98 -20.95 11.76
C LEU A 395 6.33 -22.42 11.51
N ALA A 396 5.31 -23.25 11.32
CA ALA A 396 5.51 -24.64 10.95
C ALA A 396 5.75 -24.77 9.45
N THR A 397 5.11 -23.93 8.64
CA THR A 397 5.22 -24.05 7.19
C THR A 397 6.34 -23.20 6.59
N ARG A 398 6.86 -22.26 7.39
CA ARG A 398 8.11 -21.51 7.03
C ARG A 398 9.30 -21.96 7.90
N ASP A 399 9.25 -23.20 8.39
CA ASP A 399 10.29 -23.74 9.30
C ASP A 399 11.57 -23.96 8.46
N PRO A 400 12.65 -23.22 8.76
CA PRO A 400 13.85 -23.36 7.92
C PRO A 400 14.57 -24.71 8.05
N LYS A 401 14.16 -25.52 9.03
CA LYS A 401 14.70 -26.87 9.22
C LYS A 401 13.96 -27.91 8.37
N ILE A 402 12.93 -27.45 7.68
CA ILE A 402 12.13 -28.27 6.78
C ILE A 402 12.22 -27.78 5.35
N PHE A 403 12.10 -26.47 5.16
CA PHE A 403 12.13 -25.85 3.82
C PHE A 403 13.38 -25.01 3.62
N ASP A 404 14.06 -25.19 2.49
CA ASP A 404 15.13 -24.24 2.10
C ASP A 404 14.43 -22.93 1.70
N ARG A 405 15.16 -21.81 1.70
N ARG A 405 15.17 -21.81 1.67
CA ARG A 405 14.58 -20.51 1.32
CA ARG A 405 14.59 -20.49 1.34
C ARG A 405 13.21 -20.31 2.01
C ARG A 405 13.22 -20.31 2.02
N ALA A 406 13.16 -20.59 3.32
CA ALA A 406 11.86 -20.76 4.01
C ALA A 406 10.98 -19.51 4.01
N ASP A 407 11.63 -18.34 4.04
CA ASP A 407 10.92 -17.06 4.07
C ASP A 407 10.83 -16.36 2.71
N GLU A 408 11.11 -17.10 1.64
CA GLU A 408 11.00 -16.59 0.28
C GLU A 408 9.77 -17.24 -0.34
N PHE A 409 8.99 -16.46 -1.08
CA PHE A 409 7.94 -17.01 -1.94
C PHE A 409 8.62 -17.52 -3.22
N VAL A 410 8.68 -18.84 -3.36
CA VAL A 410 9.33 -19.50 -4.49
C VAL A 410 8.25 -20.17 -5.36
N PRO A 411 7.88 -19.52 -6.48
CA PRO A 411 6.79 -20.04 -7.32
C PRO A 411 6.93 -21.52 -7.72
N GLU A 412 8.15 -21.94 -8.06
CA GLU A 412 8.39 -23.27 -8.63
C GLU A 412 8.72 -24.31 -7.55
N ARG A 413 8.46 -23.97 -6.28
CA ARG A 413 8.95 -24.83 -5.17
C ARG A 413 8.50 -26.30 -5.26
N PHE A 414 7.25 -26.50 -5.67
CA PHE A 414 6.66 -27.85 -5.66
C PHE A 414 6.64 -28.56 -7.02
N VAL A 415 7.34 -28.01 -8.00
CA VAL A 415 7.38 -28.58 -9.34
C VAL A 415 8.30 -29.82 -9.33
N GLY A 416 7.83 -30.91 -9.91
CA GLY A 416 8.67 -32.08 -10.08
C GLY A 416 8.59 -33.07 -8.94
N GLU A 417 9.23 -34.23 -9.13
CA GLU A 417 9.15 -35.33 -8.16
C GLU A 417 9.63 -34.92 -6.77
N GLU A 418 10.78 -34.26 -6.70
CA GLU A 418 11.36 -33.84 -5.43
C GLU A 418 10.52 -32.75 -4.71
N GLY A 419 10.12 -31.73 -5.47
CA GLY A 419 9.22 -30.69 -4.94
C GLY A 419 7.92 -31.26 -4.39
N GLU A 420 7.34 -32.21 -5.11
CA GLU A 420 6.08 -32.83 -4.69
C GLU A 420 6.16 -33.56 -3.36
N LYS A 421 7.32 -34.10 -3.02
CA LYS A 421 7.52 -34.74 -1.72
C LYS A 421 7.31 -33.78 -0.54
N LEU A 422 7.65 -32.50 -0.74
CA LEU A 422 7.52 -31.50 0.30
C LEU A 422 6.07 -31.14 0.66
N LEU A 423 5.11 -31.61 -0.14
CA LEU A 423 3.70 -31.31 0.12
C LEU A 423 3.22 -31.87 1.45
N ARG A 424 3.88 -32.91 1.96
CA ARG A 424 3.52 -33.42 3.28
C ARG A 424 3.72 -32.36 4.38
N HIS A 425 4.49 -31.32 4.07
CA HIS A 425 4.76 -30.23 5.03
C HIS A 425 3.92 -28.95 4.79
N VAL A 426 3.00 -29.00 3.81
CA VAL A 426 2.05 -27.91 3.59
C VAL A 426 0.77 -28.21 4.38
N LEU A 427 0.43 -27.37 5.36
CA LEU A 427 -0.55 -27.76 6.41
C LEU A 427 -1.83 -26.94 6.44
N TRP A 428 -2.11 -26.19 5.36
CA TRP A 428 -3.19 -25.20 5.39
C TRP A 428 -4.53 -25.81 5.83
N SER A 429 -4.77 -27.08 5.45
CA SER A 429 -6.07 -27.76 5.58
C SER A 429 -6.23 -28.39 6.96
N ASN A 430 -5.32 -28.08 7.88
CA ASN A 430 -5.24 -28.78 9.17
C ASN A 430 -4.92 -30.28 9.00
N GLY A 431 -4.00 -30.57 8.08
CA GLY A 431 -3.37 -31.88 7.96
C GLY A 431 -2.36 -31.74 6.82
N PRO A 432 -1.52 -32.77 6.62
CA PRO A 432 -0.57 -32.73 5.49
C PRO A 432 -1.35 -32.66 4.16
N GLU A 433 -0.85 -31.88 3.21
CA GLU A 433 -1.48 -31.78 1.89
C GLU A 433 -1.56 -33.16 1.18
N THR A 434 -0.68 -34.07 1.56
CA THR A 434 -0.66 -35.41 0.97
C THR A 434 -1.76 -36.32 1.55
N GLU A 435 -2.45 -35.86 2.61
CA GLU A 435 -3.47 -36.67 3.28
C GLU A 435 -4.88 -36.23 2.88
N THR A 436 -5.86 -37.08 3.18
CA THR A 436 -7.22 -36.94 2.71
C THR A 436 -8.10 -36.66 3.92
N PRO A 437 -8.98 -35.64 3.85
CA PRO A 437 -9.93 -35.44 4.95
C PRO A 437 -10.85 -36.65 5.06
N THR A 438 -11.19 -37.04 6.29
CA THR A 438 -12.06 -38.21 6.53
C THR A 438 -13.03 -37.90 7.67
N VAL A 439 -14.06 -38.73 7.83
CA VAL A 439 -14.92 -38.63 9.02
C VAL A 439 -14.17 -38.91 10.33
N GLY A 440 -12.99 -39.54 10.25
CA GLY A 440 -12.23 -39.86 11.46
C GLY A 440 -11.26 -38.78 11.91
N ASN A 441 -11.01 -37.80 11.05
CA ASN A 441 -10.07 -36.72 11.37
C ASN A 441 -10.74 -35.34 11.34
N LYS A 442 -9.96 -34.30 11.67
CA LYS A 442 -10.48 -32.91 11.64
C LYS A 442 -9.85 -32.07 10.53
N GLN A 443 -9.35 -32.75 9.50
CA GLN A 443 -8.82 -32.07 8.34
C GLN A 443 -9.98 -31.43 7.59
N CYS A 444 -9.70 -30.27 7.02
CA CYS A 444 -10.71 -29.48 6.28
C CYS A 444 -11.55 -30.34 5.31
N ALA A 445 -12.86 -30.30 5.49
CA ALA A 445 -13.73 -31.06 4.60
C ALA A 445 -13.60 -30.64 3.13
N GLY A 446 -13.23 -29.38 2.90
CA GLY A 446 -13.18 -28.83 1.54
C GLY A 446 -11.78 -28.80 0.93
N LYS A 447 -10.87 -29.62 1.46
CA LYS A 447 -9.46 -29.58 1.03
C LYS A 447 -9.29 -29.58 -0.50
N ASP A 448 -9.92 -30.54 -1.19
CA ASP A 448 -9.73 -30.61 -2.64
C ASP A 448 -10.39 -29.45 -3.40
N PHE A 449 -11.53 -29.00 -2.89
CA PHE A 449 -12.24 -27.89 -3.48
C PHE A 449 -11.44 -26.58 -3.42
N VAL A 450 -10.83 -26.31 -2.27
CA VAL A 450 -10.06 -25.08 -2.11
C VAL A 450 -8.90 -25.06 -3.11
N VAL A 451 -8.16 -26.16 -3.19
CA VAL A 451 -6.99 -26.19 -4.11
C VAL A 451 -7.47 -26.02 -5.55
N LEU A 452 -8.59 -26.65 -5.87
CA LEU A 452 -9.18 -26.51 -7.20
C LEU A 452 -9.54 -25.03 -7.49
N VAL A 453 -10.36 -24.41 -6.65
CA VAL A 453 -10.79 -23.02 -6.93
C VAL A 453 -9.63 -22.02 -6.94
N ALA A 454 -8.63 -22.24 -6.09
CA ALA A 454 -7.40 -21.41 -6.14
C ALA A 454 -6.71 -21.53 -7.50
N ARG A 455 -6.55 -22.76 -7.99
CA ARG A 455 -6.05 -22.99 -9.36
C ARG A 455 -6.88 -22.29 -10.43
N LEU A 456 -8.20 -22.42 -10.34
CA LEU A 456 -9.12 -21.82 -11.32
C LEU A 456 -8.98 -20.29 -11.30
N PHE A 457 -8.74 -19.74 -10.12
CA PHE A 457 -8.52 -18.30 -9.94
C PHE A 457 -7.26 -17.84 -10.69
N VAL A 458 -6.15 -18.55 -10.51
CA VAL A 458 -4.90 -18.18 -11.18
C VAL A 458 -5.08 -18.35 -12.71
N ILE A 459 -5.75 -19.42 -13.09
CA ILE A 459 -6.02 -19.68 -14.50
C ILE A 459 -6.84 -18.54 -15.14
N GLU A 460 -7.92 -18.15 -14.47
CA GLU A 460 -8.75 -17.07 -14.98
C GLU A 460 -7.96 -15.75 -15.14
N ILE A 461 -7.11 -15.43 -14.18
CA ILE A 461 -6.25 -14.23 -14.28
C ILE A 461 -5.36 -14.27 -15.52
N PHE A 462 -4.60 -15.36 -15.66
CA PHE A 462 -3.55 -15.40 -16.70
C PHE A 462 -3.99 -15.85 -18.07
N ARG A 463 -5.20 -16.37 -18.18
CA ARG A 463 -5.76 -16.53 -19.52
C ARG A 463 -6.22 -15.17 -20.10
N ARG A 464 -6.47 -14.22 -19.21
CA ARG A 464 -6.93 -12.85 -19.59
C ARG A 464 -5.83 -11.80 -19.65
N TYR A 465 -4.85 -11.91 -18.76
CA TYR A 465 -3.81 -10.90 -18.53
C TYR A 465 -2.42 -11.47 -18.62
N ASP A 466 -1.55 -10.71 -19.27
CA ASP A 466 -0.12 -11.05 -19.35
C ASP A 466 0.58 -10.84 -18.02
N SER A 467 0.15 -9.81 -17.30
CA SER A 467 0.79 -9.40 -16.05
C SER A 467 -0.09 -8.34 -15.39
N PHE A 468 0.22 -8.00 -14.14
CA PHE A 468 -0.57 -6.99 -13.44
C PHE A 468 0.29 -6.35 -12.38
N ASP A 469 -0.11 -5.15 -11.91
CA ASP A 469 0.51 -4.48 -10.77
C ASP A 469 -0.52 -4.29 -9.65
N ILE A 470 -0.05 -4.31 -8.41
CA ILE A 470 -0.91 -4.20 -7.24
C ILE A 470 -0.45 -3.09 -6.26
N GLU A 471 -1.40 -2.58 -5.48
CA GLU A 471 -1.12 -1.78 -4.27
C GLU A 471 -1.78 -2.48 -3.09
N VAL A 472 -1.12 -2.50 -1.94
CA VAL A 472 -1.57 -3.36 -0.85
C VAL A 472 -1.62 -2.68 0.51
N GLY A 473 -2.56 -3.14 1.33
CA GLY A 473 -2.69 -2.72 2.72
C GLY A 473 -3.07 -3.91 3.59
N THR A 474 -3.24 -3.66 4.88
CA THR A 474 -3.69 -4.70 5.81
C THR A 474 -5.22 -4.66 6.01
N SER A 475 -5.73 -5.77 6.54
CA SER A 475 -7.15 -5.99 6.78
C SER A 475 -7.21 -6.84 8.05
N PRO A 476 -8.28 -6.69 8.87
CA PRO A 476 -8.40 -7.47 10.12
C PRO A 476 -8.07 -8.97 9.95
N LEU A 477 -8.38 -9.53 8.78
CA LEU A 477 -8.25 -10.96 8.51
C LEU A 477 -7.02 -11.34 7.65
N GLY A 478 -6.63 -10.44 6.75
CA GLY A 478 -5.43 -10.62 5.92
C GLY A 478 -4.98 -9.29 5.28
N SER A 479 -5.22 -9.15 3.97
CA SER A 479 -4.78 -7.98 3.20
C SER A 479 -5.90 -7.35 2.38
N SER A 480 -5.79 -6.03 2.16
CA SER A 480 -6.60 -5.32 1.15
C SER A 480 -5.66 -5.06 -0.04
N VAL A 481 -6.19 -5.19 -1.26
CA VAL A 481 -5.36 -5.23 -2.45
C VAL A 481 -6.07 -4.48 -3.56
N ASN A 482 -5.35 -3.57 -4.21
CA ASN A 482 -5.85 -2.85 -5.41
C ASN A 482 -5.03 -3.28 -6.61
N PHE A 483 -5.67 -3.45 -7.77
CA PHE A 483 -4.89 -3.56 -9.00
C PHE A 483 -4.62 -2.15 -9.49
N SER A 484 -3.38 -1.85 -9.85
CA SER A 484 -3.10 -0.58 -10.51
C SER A 484 -2.79 -0.72 -12.00
N SER A 485 -2.62 -1.95 -12.48
CA SER A 485 -2.66 -2.18 -13.94
C SER A 485 -2.99 -3.63 -14.20
N LEU A 486 -3.73 -3.84 -15.28
CA LEU A 486 -4.14 -5.15 -15.75
C LEU A 486 -3.78 -5.19 -17.24
N ARG A 487 -2.68 -5.85 -17.57
N ARG A 487 -2.70 -5.88 -17.58
CA ARG A 487 -2.17 -5.87 -18.95
CA ARG A 487 -2.20 -5.87 -18.95
C ARG A 487 -2.86 -7.00 -19.73
C ARG A 487 -2.82 -6.99 -19.79
N LYS A 488 -3.82 -6.64 -20.59
CA LYS A 488 -4.58 -7.64 -21.37
C LYS A 488 -3.74 -8.46 -22.33
N ALA A 489 -4.17 -9.70 -22.56
CA ALA A 489 -3.48 -10.63 -23.46
C ALA A 489 -3.38 -10.09 -24.89
N LEU B 25 2.10 30.44 -35.77
CA LEU B 25 2.03 31.68 -36.61
C LEU B 25 0.66 32.40 -36.65
N PRO B 26 -0.46 31.69 -36.94
CA PRO B 26 -1.76 32.41 -36.94
C PRO B 26 -2.19 32.90 -35.55
N ILE B 27 -2.63 34.16 -35.46
CA ILE B 27 -3.15 34.71 -34.21
C ILE B 27 -4.63 34.33 -34.09
N ARG B 28 -4.94 33.57 -33.03
CA ARG B 28 -6.30 33.08 -32.80
C ARG B 28 -6.85 33.59 -31.48
N ASN B 29 -8.19 33.68 -31.40
CA ASN B 29 -8.85 33.88 -30.11
C ASN B 29 -8.54 32.68 -29.20
N ILE B 30 -8.41 32.94 -27.90
CA ILE B 30 -8.19 31.86 -26.94
C ILE B 30 -9.50 31.10 -26.75
N PRO B 31 -9.51 29.78 -27.00
CA PRO B 31 -10.74 29.05 -26.80
C PRO B 31 -11.03 28.77 -25.32
N GLY B 32 -12.25 28.35 -25.06
CA GLY B 32 -12.64 27.97 -23.70
C GLY B 32 -13.55 29.03 -23.11
N ASN B 33 -14.26 28.67 -22.06
CA ASN B 33 -15.09 29.65 -21.36
C ASN B 33 -15.15 29.36 -19.87
N TYR B 34 -15.58 30.36 -19.11
CA TYR B 34 -15.62 30.22 -17.65
C TYR B 34 -16.98 29.72 -17.12
N GLY B 35 -17.90 29.43 -18.04
CA GLY B 35 -19.18 28.82 -17.71
C GLY B 35 -20.13 29.80 -17.03
N LEU B 36 -21.25 29.27 -16.53
CA LEU B 36 -22.25 30.09 -15.87
C LEU B 36 -21.66 30.67 -14.58
N PRO B 37 -22.15 31.85 -14.14
CA PRO B 37 -21.65 32.38 -12.86
C PRO B 37 -21.93 31.44 -11.68
N ILE B 38 -21.04 31.45 -10.70
CA ILE B 38 -21.09 30.56 -9.52
C ILE B 38 -20.94 29.07 -9.86
N VAL B 39 -21.85 28.60 -10.70
CA VAL B 39 -22.00 27.19 -11.06
C VAL B 39 -20.83 26.71 -11.94
N GLY B 40 -20.38 27.55 -12.87
CA GLY B 40 -19.26 27.24 -13.78
C GLY B 40 -17.99 26.79 -13.05
N PRO B 41 -17.43 27.67 -12.20
CA PRO B 41 -16.31 27.27 -11.34
C PRO B 41 -16.53 25.99 -10.51
N ILE B 42 -17.73 25.82 -9.93
CA ILE B 42 -17.99 24.66 -9.07
C ILE B 42 -17.92 23.38 -9.87
N LYS B 43 -18.56 23.37 -11.04
CA LYS B 43 -18.51 22.23 -11.95
C LYS B 43 -17.07 21.87 -12.36
N ASP B 44 -16.28 22.88 -12.68
CA ASP B 44 -14.87 22.69 -13.04
C ASP B 44 -14.04 22.10 -11.89
N ARG B 45 -14.33 22.58 -10.67
CA ARG B 45 -13.66 22.11 -9.45
C ARG B 45 -14.05 20.65 -9.17
N TRP B 46 -15.33 20.32 -9.31
CA TRP B 46 -15.73 18.91 -9.25
C TRP B 46 -15.01 18.04 -10.29
N ASP B 47 -14.91 18.48 -11.53
CA ASP B 47 -14.11 17.74 -12.53
C ASP B 47 -12.64 17.62 -12.05
N TYR B 48 -12.07 18.73 -11.61
CA TYR B 48 -10.65 18.73 -11.17
C TYR B 48 -10.36 17.73 -10.04
N PHE B 49 -11.20 17.73 -9.00
CA PHE B 49 -10.96 16.88 -7.82
C PHE B 49 -11.59 15.48 -7.90
N TYR B 50 -12.79 15.39 -8.45
CA TYR B 50 -13.56 14.14 -8.32
C TYR B 50 -13.85 13.37 -9.61
N ASP B 51 -14.35 14.05 -10.63
CA ASP B 51 -14.86 13.34 -11.80
C ASP B 51 -13.79 13.07 -12.85
N GLN B 52 -12.69 13.82 -12.79
CA GLN B 52 -11.55 13.60 -13.68
C GLN B 52 -10.18 13.47 -13.02
N GLY B 53 -9.87 14.32 -12.05
CA GLY B 53 -8.50 14.45 -11.55
C GLY B 53 -7.72 15.40 -12.45
N ALA B 54 -6.62 15.94 -11.91
CA ALA B 54 -5.92 17.05 -12.54
C ALA B 54 -5.42 16.72 -13.95
N GLU B 55 -4.70 15.61 -14.11
CA GLU B 55 -4.13 15.29 -15.43
C GLU B 55 -5.23 15.18 -16.50
N GLU B 56 -6.30 14.45 -16.18
CA GLU B 56 -7.41 14.24 -17.12
C GLU B 56 -8.21 15.54 -17.35
N PHE B 57 -8.40 16.32 -16.29
CA PHE B 57 -9.04 17.67 -16.38
C PHE B 57 -8.37 18.49 -17.52
N PHE B 58 -7.05 18.51 -17.51
CA PHE B 58 -6.31 19.30 -18.52
C PHE B 58 -6.27 18.64 -19.90
N LYS B 59 -5.99 17.33 -19.93
CA LYS B 59 -5.96 16.59 -21.21
C LYS B 59 -7.29 16.58 -21.97
N SER B 60 -8.39 16.44 -21.23
CA SER B 60 -9.73 16.37 -21.81
C SER B 60 -10.06 17.70 -22.48
N ARG B 61 -9.57 18.79 -21.89
CA ARG B 61 -9.85 20.12 -22.44
C ARG B 61 -8.94 20.46 -23.62
N ILE B 62 -7.72 19.94 -23.61
CA ILE B 62 -6.87 20.02 -24.81
C ILE B 62 -7.63 19.41 -25.99
N ARG B 63 -8.23 18.23 -25.76
CA ARG B 63 -8.99 17.58 -26.84
C ARG B 63 -10.24 18.37 -27.20
N LYS B 64 -11.00 18.80 -26.18
CA LYS B 64 -12.24 19.55 -26.38
C LYS B 64 -12.02 20.79 -27.26
N TYR B 65 -10.98 21.55 -26.92
CA TYR B 65 -10.74 22.83 -27.58
C TYR B 65 -9.74 22.75 -28.73
N ASN B 66 -9.18 21.55 -28.97
N ASN B 66 -9.15 21.57 -28.94
CA ASN B 66 -8.12 21.38 -29.97
CA ASN B 66 -8.13 21.39 -29.98
C ASN B 66 -7.04 22.47 -29.81
C ASN B 66 -6.94 22.35 -29.84
N SER B 67 -6.54 22.58 -28.58
CA SER B 67 -5.60 23.63 -28.24
C SER B 67 -4.91 23.31 -26.93
N THR B 68 -3.61 23.58 -26.86
CA THR B 68 -2.85 23.49 -25.61
C THR B 68 -2.83 24.82 -24.84
N VAL B 69 -3.56 25.81 -25.35
CA VAL B 69 -3.78 27.10 -24.68
C VAL B 69 -5.28 27.38 -24.65
N TYR B 70 -5.83 27.49 -23.44
CA TYR B 70 -7.28 27.74 -23.34
C TYR B 70 -7.69 28.37 -22.03
N ARG B 71 -8.88 28.96 -21.99
CA ARG B 71 -9.45 29.50 -20.77
C ARG B 71 -10.09 28.42 -19.90
N VAL B 72 -9.84 28.48 -18.59
CA VAL B 72 -10.41 27.51 -17.66
C VAL B 72 -10.51 28.10 -16.25
N ASN B 73 -11.50 27.68 -15.47
CA ASN B 73 -11.53 28.00 -14.02
C ASN B 73 -10.64 27.02 -13.24
N MET B 74 -9.92 27.55 -12.26
CA MET B 74 -9.03 26.73 -11.43
C MET B 74 -9.55 26.76 -9.98
N PRO B 75 -9.34 25.66 -9.21
CA PRO B 75 -9.64 25.73 -7.77
C PRO B 75 -8.70 26.75 -7.11
N PRO B 76 -9.05 27.24 -5.91
CA PRO B 76 -10.22 26.82 -5.14
C PRO B 76 -11.54 27.57 -5.43
N GLY B 77 -11.45 28.72 -6.11
CA GLY B 77 -12.64 29.60 -6.23
C GLY B 77 -13.34 29.82 -4.88
N ALA B 78 -14.67 29.67 -4.88
CA ALA B 78 -15.53 29.64 -3.66
C ALA B 78 -15.23 30.85 -2.89
N PHE B 79 -15.02 30.73 -1.58
CA PHE B 79 -14.75 31.93 -0.81
C PHE B 79 -13.26 32.11 -0.56
N ILE B 80 -12.43 31.20 -1.06
CA ILE B 80 -11.00 31.31 -0.79
C ILE B 80 -10.27 32.20 -1.83
N ALA B 81 -10.60 32.00 -3.10
CA ALA B 81 -10.00 32.78 -4.19
C ALA B 81 -11.04 33.76 -4.73
N GLU B 82 -10.61 35.00 -4.93
CA GLU B 82 -11.41 36.07 -5.50
C GLU B 82 -11.79 35.77 -6.97
N ASN B 83 -10.82 35.28 -7.75
CA ASN B 83 -10.99 35.10 -9.18
C ASN B 83 -10.34 33.78 -9.65
N PRO B 84 -11.17 32.79 -10.02
CA PRO B 84 -10.66 31.48 -10.47
C PRO B 84 -10.25 31.42 -11.97
N GLN B 85 -10.42 32.53 -12.69
CA GLN B 85 -10.29 32.51 -14.16
C GLN B 85 -8.83 32.61 -14.60
N VAL B 86 -8.37 31.64 -15.39
CA VAL B 86 -6.98 31.66 -15.86
C VAL B 86 -6.93 31.37 -17.36
N VAL B 87 -5.77 31.63 -17.96
CA VAL B 87 -5.43 31.08 -19.27
C VAL B 87 -4.37 30.01 -19.01
N ALA B 88 -4.70 28.77 -19.40
CA ALA B 88 -3.82 27.60 -19.19
C ALA B 88 -2.85 27.45 -20.37
N LEU B 89 -1.58 27.18 -20.04
CA LEU B 89 -0.50 27.01 -21.00
C LEU B 89 0.03 25.58 -20.84
N LEU B 90 -0.30 24.72 -21.79
CA LEU B 90 -0.07 23.29 -21.57
C LEU B 90 0.82 22.61 -22.63
N ASP B 91 1.81 23.35 -23.10
CA ASP B 91 2.82 22.80 -23.98
C ASP B 91 4.14 23.50 -23.67
N GLY B 92 5.24 22.91 -24.17
CA GLY B 92 6.60 23.38 -23.87
C GLY B 92 7.04 24.66 -24.57
N LYS B 93 6.24 25.13 -25.54
CA LYS B 93 6.53 26.40 -26.24
C LYS B 93 5.90 27.62 -25.57
N SER B 94 4.65 27.46 -25.14
CA SER B 94 3.94 28.54 -24.45
C SER B 94 4.32 28.68 -22.98
N PHE B 95 4.55 27.56 -22.31
CA PHE B 95 4.78 27.53 -20.84
C PHE B 95 5.91 28.48 -20.34
N PRO B 96 7.04 28.54 -21.05
CA PRO B 96 8.15 29.39 -20.61
C PRO B 96 7.88 30.89 -20.45
N VAL B 97 6.76 31.40 -20.98
CA VAL B 97 6.35 32.78 -20.67
C VAL B 97 6.29 32.99 -19.14
N LEU B 98 6.02 31.91 -18.42
CA LEU B 98 5.82 32.00 -16.97
C LEU B 98 7.13 32.31 -16.24
N PHE B 99 8.26 32.24 -16.95
CA PHE B 99 9.59 32.50 -16.38
C PHE B 99 10.04 33.95 -16.60
N ASP B 100 9.40 34.60 -17.57
CA ASP B 100 9.86 35.91 -18.04
C ASP B 100 9.31 37.04 -17.16
N VAL B 101 10.15 37.57 -16.28
CA VAL B 101 9.74 38.70 -15.43
C VAL B 101 9.35 40.00 -16.14
N ASP B 102 9.71 40.15 -17.42
CA ASP B 102 9.20 41.28 -18.23
C ASP B 102 7.71 41.08 -18.54
N LYS B 103 7.28 39.83 -18.57
CA LYS B 103 5.95 39.47 -19.07
C LYS B 103 4.94 39.15 -17.97
N VAL B 104 5.44 38.51 -16.89
CA VAL B 104 4.58 38.14 -15.78
C VAL B 104 5.06 38.73 -14.44
N GLU B 105 4.10 39.23 -13.67
CA GLU B 105 4.31 39.58 -12.27
C GLU B 105 4.17 38.28 -11.45
N LYS B 106 4.99 38.15 -10.41
CA LYS B 106 5.02 36.93 -9.61
C LYS B 106 4.79 37.30 -8.14
N LYS B 107 3.74 38.08 -7.88
CA LYS B 107 3.48 38.53 -6.52
C LYS B 107 2.29 37.79 -5.94
N ASP B 108 2.49 37.21 -4.75
CA ASP B 108 1.40 36.54 -3.99
C ASP B 108 0.67 35.40 -4.74
N LEU B 109 1.40 34.68 -5.59
CA LEU B 109 0.78 33.64 -6.44
C LEU B 109 1.55 32.32 -6.44
N PHE B 110 2.43 32.17 -5.44
CA PHE B 110 3.14 30.92 -5.19
C PHE B 110 2.17 29.74 -5.12
N THR B 111 0.98 29.97 -4.54
CA THR B 111 0.01 28.90 -4.43
C THR B 111 -1.18 29.10 -5.37
N GLY B 112 -1.06 30.04 -6.32
CA GLY B 112 -2.09 30.21 -7.35
C GLY B 112 -2.98 31.43 -7.14
N THR B 113 -4.30 31.21 -7.19
CA THR B 113 -5.28 32.31 -7.22
C THR B 113 -5.76 32.74 -5.82
N TYR B 114 -5.13 32.17 -4.80
CA TYR B 114 -5.30 32.60 -3.44
C TYR B 114 -3.91 32.58 -2.80
N MET B 115 -3.79 33.29 -1.67
CA MET B 115 -2.58 33.24 -0.86
C MET B 115 -2.93 32.86 0.60
N PRO B 116 -2.20 31.88 1.17
CA PRO B 116 -2.50 31.54 2.57
C PRO B 116 -2.25 32.76 3.45
N SER B 117 -3.00 32.83 4.56
CA SER B 117 -2.90 33.95 5.48
C SER B 117 -1.46 34.12 5.94
N THR B 118 -0.99 35.36 6.02
CA THR B 118 0.32 35.63 6.64
C THR B 118 0.37 35.23 8.14
N GLU B 119 -0.78 34.97 8.75
CA GLU B 119 -0.81 34.41 10.11
C GLU B 119 -0.15 33.03 10.18
N LEU B 120 -0.08 32.33 9.04
CA LEU B 120 0.62 31.05 8.96
C LEU B 120 2.16 31.18 8.90
N THR B 121 2.64 32.41 8.70
CA THR B 121 4.07 32.66 8.46
C THR B 121 4.54 33.87 9.26
N GLY B 122 4.10 33.96 10.51
CA GLY B 122 4.58 34.97 11.48
C GLY B 122 4.19 36.40 11.17
N GLY B 123 3.18 36.58 10.31
CA GLY B 123 2.75 37.89 9.88
C GLY B 123 3.51 38.42 8.68
N TYR B 124 4.46 37.64 8.18
CA TYR B 124 5.29 38.05 7.04
C TYR B 124 4.79 37.50 5.71
N ARG B 125 4.92 38.30 4.66
CA ARG B 125 4.95 37.75 3.28
C ARG B 125 6.35 37.19 3.02
N ILE B 126 6.44 35.85 2.99
CA ILE B 126 7.70 35.13 2.81
C ILE B 126 8.22 35.25 1.36
N LEU B 127 9.52 35.01 1.18
CA LEU B 127 10.23 35.16 -0.08
C LEU B 127 9.49 34.55 -1.28
N SER B 128 8.95 33.33 -1.11
CA SER B 128 8.27 32.65 -2.24
C SER B 128 7.12 33.49 -2.85
N TYR B 129 6.54 34.40 -2.06
CA TYR B 129 5.40 35.25 -2.51
C TYR B 129 5.84 36.60 -3.09
N LEU B 130 7.13 36.91 -3.01
CA LEU B 130 7.61 38.23 -3.36
C LEU B 130 7.95 38.35 -4.86
N ASP B 131 7.46 39.41 -5.51
CA ASP B 131 7.94 39.72 -6.87
C ASP B 131 9.40 40.24 -6.80
N PRO B 132 10.23 39.96 -7.84
CA PRO B 132 11.61 40.47 -7.86
C PRO B 132 11.72 41.98 -7.73
N SER B 133 10.67 42.69 -8.12
CA SER B 133 10.63 44.17 -8.01
C SER B 133 10.67 44.65 -6.53
N GLU B 134 10.32 43.74 -5.61
CA GLU B 134 10.36 44.05 -4.17
C GLU B 134 11.78 43.92 -3.59
N PRO B 135 12.30 45.00 -2.96
CA PRO B 135 13.63 44.99 -2.34
C PRO B 135 13.91 43.77 -1.45
N LYS B 136 12.92 43.33 -0.67
CA LYS B 136 13.11 42.16 0.20
C LYS B 136 13.36 40.87 -0.59
N HIS B 137 12.93 40.82 -1.84
CA HIS B 137 13.16 39.61 -2.66
C HIS B 137 14.68 39.38 -2.81
N GLU B 138 15.38 40.45 -3.14
CA GLU B 138 16.84 40.39 -3.31
C GLU B 138 17.55 40.01 -2.01
N LYS B 139 17.20 40.67 -0.90
CA LYS B 139 17.81 40.39 0.42
C LYS B 139 17.59 38.94 0.87
N LEU B 140 16.35 38.48 0.78
CA LEU B 140 16.04 37.16 1.30
C LEU B 140 16.63 36.06 0.42
N LYS B 141 16.61 36.26 -0.91
CA LYS B 141 17.12 35.20 -1.79
C LYS B 141 18.64 35.14 -1.60
N ASN B 142 19.27 36.30 -1.40
CA ASN B 142 20.70 36.33 -1.02
C ASN B 142 21.03 35.56 0.25
N LEU B 143 20.17 35.68 1.26
CA LEU B 143 20.31 34.94 2.50
C LEU B 143 20.31 33.42 2.25
N LEU B 144 19.36 32.95 1.44
CA LEU B 144 19.31 31.53 1.06
C LEU B 144 20.51 31.09 0.21
N PHE B 145 20.92 31.92 -0.76
CA PHE B 145 22.17 31.63 -1.49
C PHE B 145 23.33 31.43 -0.51
N PHE B 146 23.41 32.29 0.50
CA PHE B 146 24.45 32.19 1.50
C PHE B 146 24.32 30.89 2.29
N LEU B 147 23.10 30.56 2.71
CA LEU B 147 22.82 29.31 3.43
C LEU B 147 23.35 28.09 2.63
N LEU B 148 23.02 28.05 1.35
CA LEU B 148 23.45 26.96 0.49
C LEU B 148 24.98 26.91 0.33
N LYS B 149 25.61 28.05 0.09
CA LYS B 149 27.06 28.10 -0.08
C LYS B 149 27.75 27.69 1.24
N SER B 150 27.23 28.15 2.37
CA SER B 150 27.81 27.85 3.70
C SER B 150 27.75 26.36 4.07
N SER B 151 26.77 25.66 3.51
CA SER B 151 26.52 24.26 3.85
C SER B 151 27.33 23.31 2.95
N ARG B 152 28.04 23.88 1.97
CA ARG B 152 28.68 23.09 0.89
C ARG B 152 29.49 21.90 1.38
N ASN B 153 30.25 22.11 2.46
CA ASN B 153 31.15 21.07 2.95
C ASN B 153 30.49 20.08 3.89
N ARG B 154 29.24 20.33 4.29
CA ARG B 154 28.51 19.39 5.15
C ARG B 154 27.62 18.45 4.35
N ILE B 155 27.28 18.83 3.12
CA ILE B 155 26.29 18.06 2.34
C ILE B 155 26.64 16.58 2.19
N PHE B 156 27.82 16.28 1.65
CA PHE B 156 28.23 14.90 1.40
C PHE B 156 28.20 14.04 2.66
N PRO B 157 28.94 14.46 3.71
CA PRO B 157 29.01 13.60 4.90
C PRO B 157 27.68 13.45 5.61
N GLU B 158 26.89 14.53 5.67
CA GLU B 158 25.61 14.44 6.37
C GLU B 158 24.56 13.62 5.62
N PHE B 159 24.57 13.74 4.28
CA PHE B 159 23.72 12.87 3.48
C PHE B 159 24.13 11.41 3.66
N GLN B 160 25.43 11.14 3.59
CA GLN B 160 25.90 9.76 3.74
C GLN B 160 25.50 9.18 5.09
N ALA B 161 25.68 9.96 6.16
CA ALA B 161 25.39 9.48 7.51
C ALA B 161 23.89 9.19 7.69
N THR B 162 23.04 10.18 7.36
CA THR B 162 21.60 10.06 7.59
C THR B 162 20.96 9.00 6.69
N TYR B 163 21.30 9.01 5.40
CA TYR B 163 20.71 8.06 4.45
C TYR B 163 21.22 6.64 4.61
N SER B 164 22.47 6.48 5.03
CA SER B 164 22.96 5.13 5.33
C SER B 164 22.15 4.55 6.50
N GLU B 165 21.86 5.38 7.50
CA GLU B 165 20.99 4.96 8.62
C GLU B 165 19.58 4.57 8.15
N LEU B 166 19.01 5.35 7.24
CA LEU B 166 17.71 5.02 6.65
C LEU B 166 17.70 3.63 6.00
N PHE B 167 18.67 3.40 5.12
CA PHE B 167 18.72 2.13 4.38
C PHE B 167 18.95 0.90 5.30
N ASP B 168 19.83 1.05 6.29
CA ASP B 168 20.01 0.00 7.32
C ASP B 168 18.69 -0.35 8.01
N SER B 169 17.92 0.69 8.37
CA SER B 169 16.63 0.53 9.01
C SER B 169 15.60 -0.16 8.08
N LEU B 170 15.60 0.22 6.80
CA LEU B 170 14.69 -0.37 5.82
C LEU B 170 14.99 -1.86 5.54
N GLU B 171 16.27 -2.20 5.57
CA GLU B 171 16.68 -3.60 5.41
C GLU B 171 16.12 -4.44 6.56
N LYS B 172 16.20 -3.89 7.78
CA LYS B 172 15.65 -4.56 8.98
C LYS B 172 14.15 -4.75 8.85
N GLU B 173 13.44 -3.66 8.52
CA GLU B 173 12.00 -3.68 8.29
C GLU B 173 11.59 -4.67 7.19
N LEU B 174 12.40 -4.77 6.14
CA LEU B 174 12.13 -5.68 5.01
C LEU B 174 12.20 -7.14 5.46
N SER B 175 13.28 -7.49 6.18
CA SER B 175 13.45 -8.86 6.67
C SER B 175 12.39 -9.25 7.71
N LEU B 176 11.89 -8.28 8.48
CA LEU B 176 10.82 -8.52 9.45
C LEU B 176 9.45 -8.64 8.80
N LYS B 177 9.10 -7.70 7.92
CA LYS B 177 7.74 -7.54 7.44
C LYS B 177 7.49 -7.94 5.97
N GLY B 178 8.54 -8.22 5.22
CA GLY B 178 8.39 -8.55 3.80
C GLY B 178 8.23 -7.34 2.88
N LYS B 179 8.03 -6.17 3.48
CA LYS B 179 8.11 -4.89 2.76
C LYS B 179 8.66 -3.80 3.69
N ALA B 180 9.17 -2.72 3.11
CA ALA B 180 9.73 -1.62 3.90
C ALA B 180 9.17 -0.33 3.38
N ASP B 181 8.46 0.38 4.26
CA ASP B 181 7.80 1.60 3.88
C ASP B 181 8.83 2.73 3.79
N PHE B 182 9.21 3.06 2.55
CA PHE B 182 10.14 4.15 2.32
C PHE B 182 9.62 5.50 2.80
N GLY B 183 8.42 5.87 2.36
CA GLY B 183 7.77 7.13 2.76
C GLY B 183 7.72 7.33 4.27
N GLY B 184 7.31 6.28 4.97
CA GLY B 184 7.17 6.34 6.42
C GLY B 184 8.38 6.71 7.25
N SER B 185 9.58 6.40 6.76
CA SER B 185 10.83 6.67 7.47
C SER B 185 11.69 7.75 6.82
N SER B 186 11.59 7.88 5.50
CA SER B 186 12.46 8.81 4.77
C SER B 186 12.12 10.28 5.03
N ASP B 187 10.89 10.57 5.46
CA ASP B 187 10.51 11.94 5.83
C ASP B 187 11.34 12.47 7.01
N GLY B 188 11.54 11.61 8.01
CA GLY B 188 12.32 11.97 9.17
C GLY B 188 13.78 12.10 8.76
N THR B 189 14.24 11.14 7.94
CA THR B 189 15.62 11.19 7.40
C THR B 189 15.90 12.49 6.68
N ALA B 190 14.99 12.89 5.78
CA ALA B 190 15.14 14.14 5.02
C ALA B 190 15.29 15.31 5.97
N PHE B 191 14.41 15.39 6.98
CA PHE B 191 14.49 16.54 7.90
C PHE B 191 15.81 16.57 8.69
N ASN B 192 16.22 15.40 9.16
CA ASN B 192 17.47 15.27 9.91
C ASN B 192 18.66 15.64 9.04
N PHE B 193 18.64 15.20 7.79
CA PHE B 193 19.70 15.58 6.87
C PHE B 193 19.76 17.10 6.68
N LEU B 194 18.61 17.76 6.49
CA LEU B 194 18.62 19.20 6.24
C LEU B 194 19.09 19.98 7.48
N ALA B 195 18.62 19.56 8.64
CA ALA B 195 19.03 20.18 9.89
C ALA B 195 20.54 20.04 10.11
N ARG B 196 21.07 18.88 9.77
CA ARG B 196 22.51 18.64 9.98
C ARG B 196 23.37 19.35 8.92
N ALA B 197 22.93 19.31 7.66
CA ALA B 197 23.66 19.95 6.56
C ALA B 197 23.59 21.49 6.62
N PHE B 198 22.38 22.04 6.81
CA PHE B 198 22.17 23.49 6.78
C PHE B 198 22.64 24.17 8.07
N TYR B 199 22.34 23.56 9.20
CA TYR B 199 22.51 24.24 10.50
C TYR B 199 23.43 23.50 11.48
N GLY B 200 24.00 22.38 11.04
CA GLY B 200 24.91 21.62 11.91
C GLY B 200 24.24 21.11 13.17
N THR B 201 22.95 20.84 13.10
CA THR B 201 22.16 20.51 14.26
C THR B 201 21.40 19.20 14.07
N ASN B 202 21.55 18.29 15.01
CA ASN B 202 20.76 17.07 14.98
C ASN B 202 19.44 17.26 15.74
N PRO B 203 18.29 17.20 15.03
CA PRO B 203 17.00 17.39 15.71
C PRO B 203 16.79 16.47 16.93
N ALA B 204 17.35 15.25 16.89
CA ALA B 204 17.31 14.35 18.06
C ALA B 204 17.93 14.95 19.33
N ASP B 205 18.86 15.90 19.17
CA ASP B 205 19.49 16.62 20.30
C ASP B 205 18.74 17.87 20.76
N THR B 206 17.53 18.07 20.25
CA THR B 206 16.75 19.27 20.54
C THR B 206 15.37 18.90 21.05
N LYS B 207 14.59 19.91 21.45
CA LYS B 207 13.22 19.71 21.87
C LYS B 207 12.31 19.18 20.74
N LEU B 208 12.74 19.38 19.50
CA LEU B 208 12.00 18.85 18.34
C LEU B 208 11.95 17.31 18.28
N LYS B 209 13.00 16.67 18.79
CA LYS B 209 13.13 15.19 18.78
C LYS B 209 12.88 14.65 17.36
N ALA B 210 11.88 13.79 17.21
CA ALA B 210 11.52 13.21 15.92
C ALA B 210 10.20 13.76 15.38
N ASP B 211 9.73 14.87 15.95
CA ASP B 211 8.37 15.36 15.64
C ASP B 211 8.22 16.25 14.42
N ALA B 212 9.34 16.67 13.82
CA ALA B 212 9.30 17.63 12.68
C ALA B 212 8.36 17.24 11.55
N PRO B 213 8.47 16.00 11.02
CA PRO B 213 7.59 15.65 9.87
C PRO B 213 6.11 15.86 10.17
N GLY B 214 5.63 15.40 11.34
CA GLY B 214 4.24 15.61 11.72
C GLY B 214 3.82 17.06 11.84
N LEU B 215 4.70 17.88 12.43
CA LEU B 215 4.43 19.32 12.59
C LEU B 215 4.36 20.00 11.23
N ILE B 216 5.33 19.70 10.35
CA ILE B 216 5.41 20.35 9.05
C ILE B 216 4.19 19.92 8.22
N THR B 217 3.86 18.62 8.25
CA THR B 217 2.74 18.10 7.46
C THR B 217 1.45 18.84 7.80
N LYS B 218 1.16 18.98 9.09
CA LYS B 218 -0.05 19.68 9.53
C LYS B 218 -0.03 21.15 9.08
N TRP B 219 1.09 21.82 9.28
CA TRP B 219 1.20 23.24 8.83
C TRP B 219 1.04 23.38 7.31
N VAL B 220 1.69 22.50 6.55
CA VAL B 220 1.55 22.56 5.10
C VAL B 220 0.11 22.35 4.67
N LEU B 221 -0.59 21.40 5.29
N LEU B 221 -0.58 21.42 5.32
CA LEU B 221 -2.02 21.19 4.99
CA LEU B 221 -1.99 21.15 5.01
C LEU B 221 -2.81 22.48 5.18
C LEU B 221 -2.92 22.35 5.31
N PHE B 222 -2.57 23.15 6.31
CA PHE B 222 -3.27 24.42 6.59
C PHE B 222 -3.04 25.49 5.51
N ASN B 223 -1.88 25.42 4.86
CA ASN B 223 -1.60 26.26 3.72
C ASN B 223 -2.28 25.79 2.44
N LEU B 224 -2.26 24.48 2.19
CA LEU B 224 -2.57 23.94 0.84
C LEU B 224 -3.88 23.19 0.69
N HIS B 225 -4.65 23.07 1.78
CA HIS B 225 -5.91 22.32 1.75
C HIS B 225 -6.88 22.71 0.61
N PRO B 226 -6.94 24.02 0.22
CA PRO B 226 -7.92 24.34 -0.85
C PRO B 226 -7.58 23.72 -2.21
N LEU B 227 -6.38 23.17 -2.35
CA LEU B 227 -5.91 22.61 -3.61
C LEU B 227 -5.76 21.09 -3.55
N LEU B 228 -6.14 20.49 -2.43
CA LEU B 228 -5.89 19.08 -2.20
C LEU B 228 -7.17 18.30 -1.98
N SER B 229 -7.15 17.03 -2.38
CA SER B 229 -8.18 16.10 -1.94
C SER B 229 -7.53 15.03 -1.07
N ILE B 230 -8.16 14.70 0.05
CA ILE B 230 -7.83 13.48 0.79
C ILE B 230 -8.77 12.36 0.35
N GLY B 231 -8.96 11.35 1.19
CA GLY B 231 -9.85 10.26 0.81
C GLY B 231 -11.33 10.58 0.77
N LEU B 232 -11.73 11.70 1.37
CA LEU B 232 -13.12 11.92 1.80
C LEU B 232 -14.16 12.15 0.68
N PRO B 233 -15.45 11.86 0.96
CA PRO B 233 -16.50 12.14 -0.02
C PRO B 233 -16.66 13.63 -0.29
N ARG B 234 -17.01 13.96 -1.53
CA ARG B 234 -17.30 15.31 -1.99
C ARG B 234 -18.09 16.11 -0.95
N VAL B 235 -19.12 15.50 -0.38
CA VAL B 235 -20.07 16.22 0.49
C VAL B 235 -19.48 16.60 1.84
N ILE B 236 -18.46 15.87 2.29
CA ILE B 236 -17.65 16.27 3.44
C ILE B 236 -16.52 17.21 3.06
N GLU B 237 -15.74 16.87 2.02
CA GLU B 237 -14.57 17.67 1.64
C GLU B 237 -14.89 19.08 1.19
N GLU B 238 -15.91 19.21 0.35
CA GLU B 238 -16.23 20.50 -0.27
C GLU B 238 -16.47 21.59 0.79
N PRO B 239 -17.39 21.36 1.75
CA PRO B 239 -17.60 22.39 2.79
C PRO B 239 -16.46 22.50 3.84
N LEU B 240 -15.73 21.43 4.09
CA LEU B 240 -14.68 21.43 5.13
C LEU B 240 -13.32 22.00 4.70
N ILE B 241 -12.89 21.71 3.48
CA ILE B 241 -11.59 22.18 3.02
C ILE B 241 -11.56 22.91 1.68
N HIS B 242 -12.68 22.92 0.96
CA HIS B 242 -12.61 23.58 -0.35
C HIS B 242 -13.37 24.88 -0.46
N THR B 243 -14.05 25.30 0.62
CA THR B 243 -14.93 26.47 0.53
C THR B 243 -14.41 27.65 1.35
N PHE B 244 -13.85 27.36 2.51
CA PHE B 244 -13.24 28.41 3.38
C PHE B 244 -11.86 28.00 3.85
N SER B 245 -11.05 29.00 4.22
CA SER B 245 -9.74 28.74 4.85
C SER B 245 -9.83 28.12 6.24
N LEU B 246 -9.04 27.08 6.52
CA LEU B 246 -8.95 26.58 7.90
C LEU B 246 -8.23 27.61 8.77
N PRO B 247 -8.69 27.82 10.02
CA PRO B 247 -8.17 28.92 10.83
C PRO B 247 -6.71 28.70 11.28
N PRO B 248 -5.79 29.62 10.93
CA PRO B 248 -4.37 29.49 11.29
C PRO B 248 -4.11 29.30 12.79
N ALA B 249 -4.99 29.82 13.64
CA ALA B 249 -4.82 29.65 15.09
C ALA B 249 -4.63 28.19 15.49
N LEU B 250 -5.28 27.27 14.77
CA LEU B 250 -5.24 25.86 15.12
C LEU B 250 -3.91 25.13 14.85
N VAL B 251 -2.99 25.79 14.14
CA VAL B 251 -1.68 25.21 13.91
C VAL B 251 -0.55 26.09 14.51
N LYS B 252 -0.95 27.18 15.15
CA LYS B 252 0.01 28.15 15.72
C LYS B 252 1.06 27.51 16.65
N SER B 253 0.61 26.68 17.58
CA SER B 253 1.52 26.11 18.55
C SER B 253 2.48 25.10 17.91
N ASP B 254 2.01 24.35 16.91
CA ASP B 254 2.89 23.45 16.16
C ASP B 254 3.97 24.26 15.41
N TYR B 255 3.52 25.30 14.71
CA TYR B 255 4.43 26.25 14.05
C TYR B 255 5.49 26.83 15.02
N GLN B 256 5.06 27.22 16.22
CA GLN B 256 5.96 27.75 17.25
C GLN B 256 7.09 26.78 17.59
N ARG B 257 6.77 25.50 17.69
CA ARG B 257 7.83 24.50 17.96
C ARG B 257 8.89 24.54 16.86
N LEU B 258 8.44 24.61 15.62
CA LEU B 258 9.34 24.72 14.48
C LEU B 258 10.13 26.02 14.52
N TYR B 259 9.44 27.13 14.71
CA TYR B 259 10.11 28.43 14.78
C TYR B 259 11.25 28.41 15.82
N GLU B 260 10.96 27.90 17.02
N GLU B 260 10.92 27.91 17.01
CA GLU B 260 11.98 27.91 18.06
CA GLU B 260 11.88 27.81 18.11
C GLU B 260 13.19 27.03 17.72
C GLU B 260 13.15 27.08 17.66
N PHE B 261 12.95 25.93 17.01
CA PHE B 261 14.06 25.11 16.50
C PHE B 261 14.96 25.91 15.55
N PHE B 262 14.36 26.59 14.56
CA PHE B 262 15.13 27.35 13.58
C PHE B 262 15.84 28.54 14.20
N LEU B 263 15.13 29.28 15.07
CA LEU B 263 15.76 30.39 15.79
C LEU B 263 17.01 29.94 16.54
N GLU B 264 16.91 28.83 17.26
CA GLU B 264 18.01 28.38 18.13
C GLU B 264 19.14 27.69 17.37
N SER B 265 18.85 27.16 16.18
CA SER B 265 19.81 26.32 15.42
C SER B 265 20.54 27.11 14.33
N ALA B 266 19.93 28.21 13.90
CA ALA B 266 20.40 28.93 12.72
C ALA B 266 21.39 30.04 13.02
N GLY B 267 22.10 29.93 14.13
CA GLY B 267 23.08 30.94 14.55
C GLY B 267 23.95 31.56 13.46
N GLU B 268 24.73 30.73 12.76
CA GLU B 268 25.64 31.22 11.72
C GLU B 268 24.97 31.99 10.56
N ILE B 269 23.84 31.48 10.10
N ILE B 269 23.82 31.48 10.12
CA ILE B 269 23.12 32.14 9.02
CA ILE B 269 23.06 32.11 9.03
C ILE B 269 22.43 33.43 9.50
C ILE B 269 22.46 33.43 9.51
N LEU B 270 22.07 33.48 10.78
CA LEU B 270 21.44 34.69 11.34
C LEU B 270 22.42 35.86 11.43
N VAL B 271 23.71 35.51 11.53
CA VAL B 271 24.77 36.52 11.47
C VAL B 271 24.78 37.18 10.09
N GLU B 272 24.63 36.38 9.04
CA GLU B 272 24.50 36.94 7.70
C GLU B 272 23.20 37.75 7.53
N ALA B 273 22.09 37.30 8.12
CA ALA B 273 20.84 38.10 8.14
C ALA B 273 21.08 39.50 8.74
N ASP B 274 21.81 39.55 9.87
CA ASP B 274 22.17 40.82 10.50
C ASP B 274 22.83 41.75 9.47
N LYS B 275 23.82 41.20 8.76
CA LYS B 275 24.61 41.94 7.78
C LYS B 275 23.81 42.45 6.58
N LEU B 276 22.81 41.66 6.20
CA LEU B 276 21.96 41.98 5.07
C LEU B 276 20.88 43.01 5.41
N GLY B 277 20.77 43.37 6.68
CA GLY B 277 19.75 44.33 7.13
C GLY B 277 18.39 43.69 7.42
N ILE B 278 18.37 42.37 7.63
CA ILE B 278 17.12 41.62 7.93
C ILE B 278 17.03 41.36 9.44
N SER B 279 15.84 41.47 10.04
CA SER B 279 15.69 41.09 11.47
C SER B 279 15.84 39.58 11.57
N ARG B 280 16.21 39.10 12.75
CA ARG B 280 16.37 37.66 12.96
C ARG B 280 15.01 36.98 12.93
N GLU B 281 13.97 37.71 13.33
CA GLU B 281 12.61 37.17 13.25
C GLU B 281 12.22 36.93 11.78
N GLU B 282 12.36 37.95 10.94
CA GLU B 282 11.99 37.77 9.52
C GLU B 282 12.85 36.68 8.89
N ALA B 283 14.16 36.70 9.16
CA ALA B 283 15.09 35.70 8.63
C ALA B 283 14.63 34.30 9.03
N THR B 284 14.29 34.12 10.31
CA THR B 284 13.91 32.79 10.81
C THR B 284 12.63 32.26 10.15
N HIS B 285 11.59 33.08 10.04
CA HIS B 285 10.39 32.64 9.33
C HIS B 285 10.74 32.20 7.90
N ASN B 286 11.67 32.93 7.27
CA ASN B 286 12.07 32.60 5.90
C ASN B 286 12.93 31.33 5.79
N LEU B 287 13.79 31.13 6.77
CA LEU B 287 14.60 29.90 6.87
C LEU B 287 13.70 28.71 7.11
N LEU B 288 12.74 28.89 8.01
CA LEU B 288 11.75 27.85 8.29
C LEU B 288 10.98 27.47 7.01
N PHE B 289 10.47 28.49 6.33
CA PHE B 289 9.71 28.24 5.11
C PHE B 289 10.55 27.54 4.00
N ALA B 290 11.76 28.05 3.75
CA ALA B 290 12.65 27.46 2.72
C ALA B 290 13.03 26.02 3.08
N THR B 291 13.27 25.76 4.36
CA THR B 291 13.70 24.42 4.77
C THR B 291 12.52 23.45 4.80
N CYS B 292 11.40 23.86 5.42
CA CYS B 292 10.27 22.96 5.63
C CYS B 292 9.34 22.87 4.43
N PHE B 293 8.96 24.03 3.88
CA PHE B 293 8.01 24.07 2.77
C PHE B 293 8.69 23.74 1.45
N ASN B 294 9.66 24.57 1.04
CA ASN B 294 10.29 24.43 -0.28
C ASN B 294 11.13 23.15 -0.35
N THR B 295 12.10 23.04 0.57
CA THR B 295 13.05 21.92 0.52
C THR B 295 12.46 20.58 0.94
N TRP B 296 12.10 20.46 2.22
CA TRP B 296 11.55 19.20 2.73
C TRP B 296 10.26 18.76 2.00
N GLY B 297 9.35 19.69 1.76
CA GLY B 297 8.14 19.40 1.00
C GLY B 297 8.44 18.85 -0.39
N GLY B 298 9.39 19.50 -1.09
CA GLY B 298 9.84 19.08 -2.42
C GLY B 298 10.45 17.69 -2.37
N MET B 299 11.36 17.46 -1.40
CA MET B 299 12.02 16.14 -1.26
C MET B 299 11.00 15.04 -0.89
N LYS B 300 9.97 15.43 -0.12
CA LYS B 300 8.87 14.50 0.27
C LYS B 300 8.14 13.92 -0.96
N ILE B 301 7.95 14.73 -2.00
CA ILE B 301 7.41 14.27 -3.26
C ILE B 301 8.47 13.55 -4.12
N LEU B 302 9.63 14.18 -4.28
CA LEU B 302 10.62 13.75 -5.27
C LEU B 302 11.22 12.37 -4.95
N PHE B 303 11.70 12.18 -3.73
CA PHE B 303 12.45 10.95 -3.43
C PHE B 303 11.58 9.68 -3.60
N PRO B 304 10.34 9.68 -3.04
CA PRO B 304 9.44 8.53 -3.31
C PRO B 304 9.13 8.31 -4.79
N ASN B 305 8.89 9.40 -5.54
CA ASN B 305 8.71 9.32 -6.99
C ASN B 305 9.93 8.70 -7.74
N MET B 306 11.14 9.09 -7.31
CA MET B 306 12.38 8.51 -7.85
C MET B 306 12.50 7.00 -7.54
N VAL B 307 12.18 6.59 -6.31
CA VAL B 307 12.20 5.17 -5.94
C VAL B 307 11.22 4.38 -6.83
N LYS B 308 10.02 4.95 -7.00
CA LYS B 308 9.00 4.29 -7.81
C LYS B 308 9.43 4.16 -9.29
N ARG B 309 9.89 5.25 -9.88
CA ARG B 309 10.23 5.26 -11.32
C ARG B 309 11.52 4.50 -11.63
N ILE B 310 12.52 4.67 -10.78
CA ILE B 310 13.75 3.91 -10.95
C ILE B 310 13.47 2.42 -10.69
N GLY B 311 12.68 2.12 -9.66
CA GLY B 311 12.26 0.75 -9.39
C GLY B 311 11.62 0.09 -10.62
N ARG B 312 10.68 0.78 -11.25
CA ARG B 312 9.97 0.25 -12.42
C ARG B 312 10.81 0.25 -13.71
N ALA B 313 11.97 0.90 -13.68
CA ALA B 313 12.87 0.89 -14.85
C ALA B 313 13.46 -0.50 -15.07
N GLY B 314 13.49 -1.30 -14.01
CA GLY B 314 13.89 -2.69 -14.10
C GLY B 314 15.31 -2.99 -13.72
N HIS B 315 15.61 -4.27 -13.56
CA HIS B 315 16.89 -4.71 -12.99
C HIS B 315 18.10 -4.51 -13.90
N GLN B 316 17.89 -4.48 -15.21
CA GLN B 316 18.99 -4.22 -16.13
C GLN B 316 19.53 -2.79 -15.94
N VAL B 317 18.60 -1.84 -15.83
CA VAL B 317 18.95 -0.44 -15.57
C VAL B 317 19.62 -0.32 -14.20
N HIS B 318 19.08 -1.03 -13.20
CA HIS B 318 19.64 -1.05 -11.85
C HIS B 318 21.09 -1.52 -11.88
N ASN B 319 21.33 -2.62 -12.62
CA ASN B 319 22.67 -3.16 -12.84
C ASN B 319 23.65 -2.18 -13.52
N ARG B 320 23.18 -1.47 -14.56
CA ARG B 320 24.02 -0.49 -15.24
C ARG B 320 24.36 0.71 -14.34
N LEU B 321 23.38 1.17 -13.55
CA LEU B 321 23.62 2.28 -12.59
C LEU B 321 24.64 1.86 -11.53
N ALA B 322 24.45 0.65 -10.98
CA ALA B 322 25.39 0.12 -9.98
C ALA B 322 26.83 0.07 -10.54
N GLU B 323 26.96 -0.46 -11.76
CA GLU B 323 28.26 -0.59 -12.38
C GLU B 323 28.96 0.76 -12.60
N GLU B 324 28.22 1.72 -13.16
CA GLU B 324 28.74 3.07 -13.40
C GLU B 324 29.20 3.77 -12.11
N ILE B 325 28.32 3.80 -11.12
CA ILE B 325 28.57 4.47 -9.84
C ILE B 325 29.79 3.87 -9.14
N ARG B 326 29.83 2.54 -9.00
CA ARG B 326 30.90 1.93 -8.20
C ARG B 326 32.24 2.02 -8.92
N SER B 327 32.18 1.89 -10.26
CA SER B 327 33.37 1.98 -11.12
C SER B 327 34.01 3.37 -11.06
N VAL B 328 33.18 4.42 -11.18
CA VAL B 328 33.66 5.79 -11.16
C VAL B 328 34.26 6.11 -9.79
N ILE B 329 33.61 5.65 -8.73
CA ILE B 329 34.13 5.92 -7.39
C ILE B 329 35.49 5.20 -7.18
N LYS B 330 35.56 3.95 -7.60
CA LYS B 330 36.82 3.20 -7.50
C LYS B 330 37.93 3.94 -8.25
N SER B 331 37.65 4.30 -9.51
CA SER B 331 38.61 5.01 -10.38
C SER B 331 39.04 6.37 -9.81
N ASN B 332 38.19 6.93 -8.95
CA ASN B 332 38.39 8.25 -8.35
C ASN B 332 39.24 8.17 -7.08
N GLY B 333 39.69 6.97 -6.72
CA GLY B 333 40.51 6.80 -5.53
C GLY B 333 39.74 6.36 -4.30
N GLY B 334 38.49 5.95 -4.50
CA GLY B 334 37.69 5.37 -3.43
C GLY B 334 36.70 6.29 -2.72
N GLU B 335 36.68 7.56 -3.09
CA GLU B 335 35.84 8.55 -2.42
C GLU B 335 34.99 9.35 -3.43
N LEU B 336 33.81 9.77 -2.99
CA LEU B 336 32.89 10.52 -3.83
C LEU B 336 33.20 12.02 -3.82
N THR B 337 33.43 12.58 -5.00
CA THR B 337 33.59 14.04 -5.15
C THR B 337 32.62 14.58 -6.19
N MET B 338 32.47 15.91 -6.21
CA MET B 338 31.68 16.57 -7.26
C MET B 338 32.13 16.21 -8.66
N GLY B 339 33.45 16.16 -8.88
CA GLY B 339 34.00 15.74 -10.17
C GLY B 339 33.63 14.34 -10.59
N ALA B 340 33.56 13.43 -9.63
CA ALA B 340 33.21 12.04 -9.91
C ALA B 340 31.76 11.98 -10.41
N ILE B 341 30.90 12.69 -9.71
CA ILE B 341 29.45 12.74 -10.05
C ILE B 341 29.28 13.19 -11.50
N GLU B 342 30.10 14.14 -11.94
CA GLU B 342 29.98 14.61 -13.33
C GLU B 342 30.36 13.56 -14.38
N LYS B 343 31.11 12.52 -13.97
CA LYS B 343 31.48 11.44 -14.88
C LYS B 343 30.41 10.32 -14.97
N MET B 344 29.44 10.37 -14.05
CA MET B 344 28.41 9.33 -13.96
C MET B 344 27.25 9.67 -14.91
N GLU B 345 27.45 9.36 -16.19
CA GLU B 345 26.53 9.80 -17.25
C GLU B 345 25.09 9.31 -17.10
N LEU B 346 24.93 8.01 -16.86
CA LEU B 346 23.60 7.44 -16.70
C LEU B 346 22.92 7.96 -15.44
N THR B 347 23.66 8.08 -14.34
CA THR B 347 23.13 8.63 -13.09
C THR B 347 22.59 10.05 -13.27
N LYS B 348 23.33 10.91 -13.97
CA LYS B 348 22.85 12.27 -14.18
C LYS B 348 21.57 12.23 -15.03
N SER B 349 21.60 11.42 -16.09
CA SER B 349 20.47 11.32 -16.99
C SER B 349 19.20 10.86 -16.28
N VAL B 350 19.33 9.82 -15.44
N VAL B 350 19.31 9.83 -15.45
CA VAL B 350 18.16 9.27 -14.73
CA VAL B 350 18.11 9.30 -14.78
C VAL B 350 17.51 10.29 -13.77
C VAL B 350 17.50 10.29 -13.76
N VAL B 351 18.35 11.07 -13.08
CA VAL B 351 17.86 12.15 -12.20
C VAL B 351 17.10 13.21 -13.02
N TYR B 352 17.67 13.64 -14.15
CA TYR B 352 16.99 14.59 -15.02
C TYR B 352 15.68 14.00 -15.54
N GLU B 353 15.67 12.69 -15.84
CA GLU B 353 14.48 12.04 -16.39
C GLU B 353 13.38 11.92 -15.35
N CYS B 354 13.75 11.71 -14.08
CA CYS B 354 12.74 11.76 -13.01
C CYS B 354 12.08 13.15 -12.92
N LEU B 355 12.90 14.18 -13.01
CA LEU B 355 12.43 15.57 -12.88
C LEU B 355 11.58 15.98 -14.11
N ARG B 356 11.93 15.46 -15.28
CA ARG B 356 11.14 15.71 -16.51
C ARG B 356 9.79 14.97 -16.46
N PHE B 357 9.85 13.70 -16.09
CA PHE B 357 8.71 12.79 -16.25
C PHE B 357 7.64 13.14 -15.23
N GLU B 358 8.05 13.45 -14.00
CA GLU B 358 7.11 13.84 -12.95
C GLU B 358 7.65 15.03 -12.17
N PRO B 359 7.50 16.26 -12.72
CA PRO B 359 7.92 17.46 -11.97
C PRO B 359 7.25 17.44 -10.58
N PRO B 360 8.02 17.56 -9.50
CA PRO B 360 7.39 17.42 -8.20
C PRO B 360 6.38 18.52 -7.84
N VAL B 361 6.66 19.76 -8.27
CA VAL B 361 5.76 20.89 -8.04
C VAL B 361 5.17 21.25 -9.39
N THR B 362 3.86 21.00 -9.57
CA THR B 362 3.30 20.95 -10.94
C THR B 362 2.63 22.23 -11.43
N ALA B 363 2.29 23.14 -10.51
CA ALA B 363 1.46 24.29 -10.85
C ALA B 363 2.26 25.58 -10.76
N GLN B 364 2.43 26.27 -11.90
CA GLN B 364 3.10 27.59 -11.90
C GLN B 364 2.13 28.63 -12.45
N TYR B 365 2.09 29.78 -11.80
CA TYR B 365 1.22 30.88 -12.18
C TYR B 365 2.01 32.16 -12.45
N GLY B 366 1.45 33.05 -13.27
CA GLY B 366 2.09 34.37 -13.48
C GLY B 366 1.02 35.32 -13.99
N ARG B 367 1.02 36.55 -13.50
CA ARG B 367 0.02 37.51 -13.99
C ARG B 367 0.63 38.42 -15.06
N ALA B 368 -0.02 38.48 -16.22
CA ALA B 368 0.47 39.29 -17.35
C ALA B 368 0.63 40.76 -16.92
N LYS B 369 1.82 41.32 -17.15
CA LYS B 369 2.14 42.68 -16.74
C LYS B 369 1.75 43.67 -17.81
N LYS B 370 1.57 43.15 -19.02
CA LYS B 370 1.34 43.96 -20.20
C LYS B 370 0.68 43.04 -21.21
N ASP B 371 0.16 43.60 -22.30
CA ASP B 371 -0.41 42.77 -23.36
C ASP B 371 0.68 41.89 -23.96
N LEU B 372 0.35 40.61 -24.15
CA LEU B 372 1.31 39.64 -24.68
C LEU B 372 0.77 38.92 -25.91
N VAL B 373 1.68 38.42 -26.72
CA VAL B 373 1.32 37.44 -27.71
C VAL B 373 2.09 36.18 -27.34
N ILE B 374 1.34 35.13 -26.99
CA ILE B 374 1.92 33.85 -26.54
C ILE B 374 1.83 32.80 -27.65
N GLU B 375 2.97 32.21 -28.00
CA GLU B 375 3.03 31.23 -29.06
C GLU B 375 2.98 29.82 -28.52
N SER B 376 2.05 29.05 -29.06
CA SER B 376 2.02 27.63 -28.83
C SER B 376 2.67 26.99 -30.08
N HIS B 377 2.58 25.66 -30.24
CA HIS B 377 3.16 25.00 -31.43
C HIS B 377 2.43 25.32 -32.75
N ASP B 378 1.13 25.60 -32.66
CA ASP B 378 0.32 25.76 -33.89
C ASP B 378 -0.37 27.12 -34.07
N ALA B 379 -0.37 27.93 -33.03
CA ALA B 379 -1.05 29.25 -33.07
C ALA B 379 -0.41 30.23 -32.11
N ALA B 380 -0.76 31.50 -32.27
CA ALA B 380 -0.38 32.54 -31.31
C ALA B 380 -1.65 33.15 -30.69
N PHE B 381 -1.54 33.62 -29.45
CA PHE B 381 -2.71 34.06 -28.70
C PHE B 381 -2.43 35.39 -28.00
N LYS B 382 -3.37 36.32 -28.15
CA LYS B 382 -3.28 37.62 -27.47
C LYS B 382 -3.80 37.51 -26.06
N VAL B 383 -2.96 37.93 -25.12
CA VAL B 383 -3.32 38.00 -23.72
C VAL B 383 -3.22 39.44 -23.24
N LYS B 384 -4.21 39.85 -22.44
CA LYS B 384 -4.29 41.22 -21.97
C LYS B 384 -3.63 41.38 -20.61
N ALA B 385 -3.06 42.56 -20.37
CA ALA B 385 -2.48 42.87 -19.05
C ALA B 385 -3.47 42.56 -17.93
N GLY B 386 -2.99 41.90 -16.89
CA GLY B 386 -3.86 41.55 -15.76
C GLY B 386 -4.43 40.15 -15.78
N GLU B 387 -4.38 39.46 -16.93
CA GLU B 387 -4.88 38.08 -16.98
C GLU B 387 -3.94 37.14 -16.22
N MET B 388 -4.53 36.17 -15.54
CA MET B 388 -3.76 35.18 -14.81
C MET B 388 -3.42 34.03 -15.76
N LEU B 389 -2.12 33.78 -15.89
CA LEU B 389 -1.59 32.65 -16.64
C LEU B 389 -1.27 31.52 -15.67
N TYR B 390 -1.44 30.31 -16.18
CA TYR B 390 -1.28 29.09 -15.42
C TYR B 390 -0.65 28.02 -16.31
N GLY B 391 0.31 27.30 -15.76
CA GLY B 391 0.88 26.15 -16.46
C GLY B 391 0.83 24.92 -15.59
N TYR B 392 0.39 23.80 -16.18
CA TYR B 392 0.48 22.48 -15.54
C TYR B 392 1.73 21.86 -16.13
N GLN B 393 2.79 21.90 -15.33
CA GLN B 393 4.13 21.58 -15.82
C GLN B 393 4.30 20.20 -16.52
N PRO B 394 3.67 19.11 -16.00
CA PRO B 394 3.86 17.81 -16.67
C PRO B 394 3.43 17.80 -18.13
N LEU B 395 2.48 18.66 -18.52
CA LEU B 395 2.14 18.73 -19.95
C LEU B 395 3.16 19.49 -20.81
N ALA B 396 3.95 20.37 -20.19
CA ALA B 396 5.05 21.05 -20.89
C ALA B 396 6.27 20.12 -21.02
N THR B 397 6.51 19.32 -19.97
CA THR B 397 7.69 18.46 -19.91
C THR B 397 7.49 17.06 -20.56
N ARG B 398 6.22 16.67 -20.75
CA ARG B 398 5.90 15.44 -21.50
C ARG B 398 5.27 15.81 -22.84
N ASP B 399 5.67 16.95 -23.39
CA ASP B 399 5.15 17.51 -24.64
C ASP B 399 5.73 16.67 -25.77
N PRO B 400 4.86 15.94 -26.51
CA PRO B 400 5.31 15.05 -27.59
C PRO B 400 5.86 15.80 -28.80
N LYS B 401 5.63 17.11 -28.89
CA LYS B 401 6.25 17.92 -29.95
C LYS B 401 7.68 18.37 -29.60
N ILE B 402 8.10 18.12 -28.36
CA ILE B 402 9.47 18.40 -27.90
C ILE B 402 10.28 17.10 -27.64
N PHE B 403 9.64 16.12 -27.00
CA PHE B 403 10.28 14.86 -26.66
C PHE B 403 9.75 13.63 -27.43
N ASP B 404 10.66 12.88 -28.03
CA ASP B 404 10.31 11.56 -28.56
C ASP B 404 9.90 10.66 -27.40
N ARG B 405 8.92 9.78 -27.61
CA ARG B 405 8.46 8.85 -26.56
C ARG B 405 8.23 9.62 -25.26
N ALA B 406 7.48 10.72 -25.36
CA ALA B 406 7.38 11.67 -24.25
C ALA B 406 6.74 11.11 -22.98
N ASP B 407 5.84 10.13 -23.13
CA ASP B 407 5.16 9.51 -21.98
C ASP B 407 5.83 8.26 -21.43
N GLU B 408 7.05 8.01 -21.86
CA GLU B 408 7.84 6.90 -21.33
C GLU B 408 8.98 7.44 -20.47
N PHE B 409 9.31 6.71 -19.41
CA PHE B 409 10.48 7.01 -18.60
C PHE B 409 11.70 6.35 -19.27
N VAL B 410 12.60 7.18 -19.80
CA VAL B 410 13.72 6.68 -20.59
C VAL B 410 14.99 7.11 -19.85
N PRO B 411 15.59 6.18 -19.08
CA PRO B 411 16.73 6.51 -18.20
C PRO B 411 17.87 7.25 -18.91
N GLU B 412 18.18 6.87 -20.15
CA GLU B 412 19.32 7.43 -20.87
C GLU B 412 18.97 8.67 -21.71
N ARG B 413 17.80 9.24 -21.48
CA ARG B 413 17.29 10.32 -22.33
C ARG B 413 18.26 11.49 -22.48
N PHE B 414 18.97 11.83 -21.39
CA PHE B 414 19.82 13.01 -21.39
C PHE B 414 21.33 12.74 -21.55
N VAL B 415 21.68 11.49 -21.85
CA VAL B 415 23.09 11.12 -22.07
C VAL B 415 23.65 11.67 -23.39
N GLY B 416 24.85 12.27 -23.33
CA GLY B 416 25.56 12.70 -24.53
C GLY B 416 25.19 14.10 -25.01
N GLU B 417 25.85 14.54 -26.09
CA GLU B 417 25.69 15.90 -26.61
C GLU B 417 24.25 16.20 -27.01
N GLU B 418 23.61 15.22 -27.64
CA GLU B 418 22.23 15.33 -28.11
C GLU B 418 21.22 15.38 -26.96
N GLY B 419 21.38 14.47 -26.01
CA GLY B 419 20.53 14.42 -24.83
C GLY B 419 20.63 15.67 -23.99
N GLU B 420 21.86 16.14 -23.78
CA GLU B 420 22.10 17.35 -22.99
C GLU B 420 21.42 18.59 -23.53
N LYS B 421 21.27 18.67 -24.85
CA LYS B 421 20.63 19.82 -25.49
C LYS B 421 19.17 19.96 -25.07
N LEU B 422 18.55 18.83 -24.72
CA LEU B 422 17.14 18.84 -24.35
C LEU B 422 16.92 19.32 -22.92
N LEU B 423 18.00 19.54 -22.20
CA LEU B 423 17.88 20.02 -20.82
C LEU B 423 17.18 21.38 -20.67
N ARG B 424 17.16 22.18 -21.73
CA ARG B 424 16.48 23.48 -21.67
C ARG B 424 14.98 23.27 -21.55
N HIS B 425 14.51 22.07 -21.83
CA HIS B 425 13.07 21.74 -21.73
C HIS B 425 12.64 21.02 -20.44
N VAL B 426 13.59 20.84 -19.52
CA VAL B 426 13.35 20.33 -18.15
C VAL B 426 13.11 21.54 -17.23
N LEU B 427 11.91 21.63 -16.65
CA LEU B 427 11.43 22.88 -16.06
C LEU B 427 11.13 22.85 -14.57
N TRP B 428 11.60 21.81 -13.87
CA TRP B 428 11.14 21.51 -12.50
C TRP B 428 11.38 22.70 -11.57
N SER B 429 12.44 23.45 -11.83
CA SER B 429 12.92 24.55 -10.97
C SER B 429 12.21 25.88 -11.21
N ASN B 430 11.15 25.87 -12.01
CA ASN B 430 10.52 27.12 -12.48
C ASN B 430 11.50 27.93 -13.34
N GLY B 431 12.24 27.21 -14.18
CA GLY B 431 13.03 27.83 -15.23
C GLY B 431 13.67 26.69 -16.02
N PRO B 432 14.29 27.01 -17.16
CA PRO B 432 14.99 25.92 -17.85
C PRO B 432 16.15 25.37 -16.99
N GLU B 433 16.44 24.08 -17.13
CA GLU B 433 17.49 23.44 -16.33
C GLU B 433 18.88 24.03 -16.69
N THR B 434 18.96 24.64 -17.87
CA THR B 434 20.18 25.29 -18.38
C THR B 434 20.42 26.68 -17.81
N GLU B 435 19.42 27.21 -17.09
CA GLU B 435 19.54 28.54 -16.51
C GLU B 435 19.77 28.48 -15.01
N THR B 436 20.16 29.60 -14.45
CA THR B 436 20.55 29.64 -13.04
C THR B 436 19.69 30.62 -12.23
N PRO B 437 19.30 30.24 -11.00
CA PRO B 437 18.51 31.19 -10.19
C PRO B 437 19.31 32.44 -9.86
N THR B 438 18.63 33.59 -9.85
CA THR B 438 19.27 34.87 -9.48
C THR B 438 18.35 35.70 -8.63
N VAL B 439 18.86 36.80 -8.06
CA VAL B 439 18.01 37.71 -7.31
C VAL B 439 17.00 38.40 -8.22
N GLY B 440 17.21 38.34 -9.54
CA GLY B 440 16.33 39.02 -10.49
C GLY B 440 15.24 38.14 -11.08
N ASN B 441 15.28 36.83 -10.82
CA ASN B 441 14.25 35.92 -11.36
C ASN B 441 13.51 35.14 -10.25
N LYS B 442 12.54 34.30 -10.63
CA LYS B 442 11.78 33.51 -9.65
C LYS B 442 12.10 32.03 -9.76
N GLN B 443 13.27 31.71 -10.33
CA GLN B 443 13.70 30.31 -10.39
C GLN B 443 14.12 29.82 -8.99
N CYS B 444 13.89 28.54 -8.72
CA CYS B 444 14.12 27.93 -7.41
C CYS B 444 15.51 28.31 -6.88
N ALA B 445 15.56 28.88 -5.68
CA ALA B 445 16.83 29.28 -5.08
C ALA B 445 17.78 28.07 -4.88
N GLY B 446 17.18 26.89 -4.70
CA GLY B 446 17.92 25.67 -4.35
C GLY B 446 18.18 24.75 -5.52
N LYS B 447 18.19 25.31 -6.74
CA LYS B 447 18.20 24.49 -7.96
C LYS B 447 19.37 23.50 -8.00
N ASP B 448 20.59 23.99 -7.79
CA ASP B 448 21.77 23.11 -7.83
C ASP B 448 21.77 22.12 -6.68
N PHE B 449 21.26 22.57 -5.53
CA PHE B 449 21.21 21.70 -4.35
C PHE B 449 20.29 20.49 -4.58
N VAL B 450 19.14 20.72 -5.19
CA VAL B 450 18.17 19.63 -5.40
C VAL B 450 18.75 18.60 -6.37
N VAL B 451 19.33 19.07 -7.48
CA VAL B 451 19.95 18.14 -8.45
C VAL B 451 21.08 17.35 -7.78
N LEU B 452 21.87 18.02 -6.97
CA LEU B 452 22.94 17.35 -6.24
C LEU B 452 22.40 16.25 -5.30
N VAL B 453 21.42 16.60 -4.48
CA VAL B 453 20.97 15.61 -3.46
C VAL B 453 20.22 14.45 -4.10
N ALA B 454 19.50 14.71 -5.19
CA ALA B 454 18.86 13.63 -5.98
C ALA B 454 19.91 12.67 -6.53
N ARG B 455 21.02 13.21 -7.04
CA ARG B 455 22.14 12.35 -7.51
C ARG B 455 22.75 11.58 -6.36
N LEU B 456 22.95 12.25 -5.22
CA LEU B 456 23.48 11.61 -4.02
C LEU B 456 22.60 10.45 -3.56
N PHE B 457 21.29 10.61 -3.72
CA PHE B 457 20.30 9.59 -3.35
C PHE B 457 20.50 8.32 -4.21
N VAL B 458 20.55 8.51 -5.52
CA VAL B 458 20.76 7.41 -6.48
C VAL B 458 22.10 6.72 -6.18
N ILE B 459 23.13 7.52 -5.94
CA ILE B 459 24.44 7.00 -5.59
C ILE B 459 24.44 6.13 -4.31
N GLU B 460 23.83 6.64 -3.25
CA GLU B 460 23.68 5.89 -2.00
C GLU B 460 22.95 4.55 -2.22
N ILE B 461 21.91 4.57 -3.04
CA ILE B 461 21.15 3.35 -3.36
C ILE B 461 22.03 2.31 -4.05
N PHE B 462 22.69 2.71 -5.13
CA PHE B 462 23.43 1.75 -5.97
C PHE B 462 24.83 1.41 -5.55
N ARG B 463 25.41 2.18 -4.64
CA ARG B 463 26.61 1.69 -4.03
C ARG B 463 26.30 0.60 -2.95
N ARG B 464 25.03 0.52 -2.55
CA ARG B 464 24.55 -0.47 -1.56
C ARG B 464 23.88 -1.70 -2.19
N TYR B 465 23.04 -1.47 -3.19
CA TYR B 465 22.24 -2.51 -3.81
C TYR B 465 22.54 -2.67 -5.31
N ASP B 466 22.54 -3.93 -5.76
CA ASP B 466 22.58 -4.27 -7.19
C ASP B 466 21.26 -3.94 -7.87
N SER B 467 20.16 -4.07 -7.11
CA SER B 467 18.81 -3.84 -7.64
C SER B 467 17.77 -3.87 -6.51
N PHE B 468 16.54 -3.50 -6.86
CA PHE B 468 15.45 -3.49 -5.88
C PHE B 468 14.11 -3.59 -6.58
N ASP B 469 13.07 -3.90 -5.82
CA ASP B 469 11.71 -3.94 -6.34
C ASP B 469 10.83 -3.05 -5.47
N ILE B 470 9.83 -2.43 -6.09
CA ILE B 470 8.96 -1.50 -5.40
C ILE B 470 7.49 -1.92 -5.46
N GLU B 471 6.72 -1.41 -4.51
CA GLU B 471 5.28 -1.61 -4.45
C GLU B 471 4.65 -0.44 -3.68
N VAL B 472 3.63 0.18 -4.28
CA VAL B 472 2.82 1.21 -3.61
C VAL B 472 1.95 0.58 -2.50
N GLY B 473 1.91 1.25 -1.34
CA GLY B 473 1.14 0.79 -0.18
C GLY B 473 -0.08 1.68 0.03
N THR B 474 -1.12 1.12 0.66
CA THR B 474 -2.37 1.86 0.92
C THR B 474 -2.75 1.84 2.41
N SER B 475 -3.36 2.93 2.85
CA SER B 475 -3.96 3.02 4.19
C SER B 475 -5.13 3.97 4.14
N PRO B 476 -6.01 3.94 5.18
CA PRO B 476 -6.96 5.06 5.39
C PRO B 476 -6.28 6.44 5.27
N LEU B 477 -5.06 6.57 5.84
CA LEU B 477 -4.29 7.83 5.86
C LEU B 477 -3.70 8.30 4.51
N GLY B 478 -3.86 7.53 3.44
CA GLY B 478 -3.20 7.81 2.16
C GLY B 478 -2.18 6.75 1.76
N SER B 479 -1.47 6.95 0.65
CA SER B 479 -0.58 5.89 0.09
C SER B 479 0.94 6.23 0.08
N SER B 480 1.78 5.19 -0.03
CA SER B 480 3.23 5.32 0.14
C SER B 480 3.99 4.33 -0.76
N VAL B 481 5.22 4.65 -1.13
CA VAL B 481 6.05 3.71 -1.86
C VAL B 481 6.85 2.82 -0.88
N ASN B 482 6.86 1.52 -1.14
CA ASN B 482 7.59 0.55 -0.33
C ASN B 482 8.60 -0.20 -1.18
N PHE B 483 9.62 -0.76 -0.54
CA PHE B 483 10.51 -1.73 -1.18
C PHE B 483 9.97 -3.12 -0.88
N SER B 484 9.84 -3.94 -1.93
CA SER B 484 9.46 -5.35 -1.72
C SER B 484 10.67 -6.27 -1.82
N SER B 485 11.79 -5.76 -2.35
CA SER B 485 13.11 -6.41 -2.18
C SER B 485 14.31 -5.45 -2.30
N LEU B 486 15.38 -5.77 -1.56
CA LEU B 486 16.61 -5.00 -1.58
C LEU B 486 17.80 -5.93 -1.73
N ARG B 487 18.30 -6.05 -2.96
CA ARG B 487 19.40 -6.98 -3.27
C ARG B 487 20.75 -6.35 -3.04
N LYS B 488 21.36 -6.72 -1.93
CA LYS B 488 22.59 -6.12 -1.43
C LYS B 488 23.85 -6.49 -2.20
N ALA B 489 24.74 -5.50 -2.36
CA ALA B 489 26.15 -5.68 -2.68
C ALA B 489 26.44 -6.25 -4.07
CHA HEM C . -11.84 -27.16 8.98
CHB HEM C . -9.24 -24.03 6.37
CHC HEM C . -12.62 -24.01 2.91
CHD HEM C . -15.24 -27.07 5.49
C1A HEM C . -10.83 -26.32 8.59
C2A HEM C . -9.62 -26.04 9.36
C3A HEM C . -8.88 -25.20 8.60
C4A HEM C . -9.61 -24.91 7.39
CMA HEM C . -7.51 -24.56 8.95
CAA HEM C . -9.32 -26.69 10.74
CBA HEM C . -10.11 -25.97 11.85
CGA HEM C . -9.54 -26.38 13.19
O1A HEM C . -8.71 -25.59 13.76
O2A HEM C . -9.93 -27.50 13.67
C1B HEM C . -9.98 -23.64 5.25
C2B HEM C . -9.66 -22.57 4.29
C3B HEM C . -10.63 -22.55 3.34
C4B HEM C . -11.55 -23.61 3.67
CMB HEM C . -8.46 -21.63 4.40
CAB HEM C . -10.81 -21.65 2.09
CBB HEM C . -9.77 -21.08 1.47
C1C HEM C . -13.57 -24.95 3.21
C2C HEM C . -14.60 -25.48 2.35
C3C HEM C . -15.34 -26.33 3.06
C4C HEM C . -14.79 -26.37 4.39
CMC HEM C . -14.77 -25.12 0.87
CAC HEM C . -16.58 -27.07 2.47
CBC HEM C . -17.13 -28.11 3.07
C1D HEM C . -14.62 -27.32 6.69
C2D HEM C . -15.17 -28.15 7.74
C3D HEM C . -14.12 -28.19 8.83
C4D HEM C . -13.03 -27.38 8.31
CMD HEM C . -16.57 -28.83 7.79
CAD HEM C . -14.21 -28.97 10.13
CBD HEM C . -13.86 -30.42 9.72
CGD HEM C . -14.20 -31.46 10.79
O1D HEM C . -14.95 -31.14 11.72
O2D HEM C . -13.69 -32.61 10.68
NA HEM C . -10.80 -25.62 7.40
NB HEM C . -11.13 -24.20 4.83
NC HEM C . -13.70 -25.53 4.45
ND HEM C . -13.37 -26.91 7.07
FE HEM C . -12.15 -25.76 5.82
CHA HEM D . 10.76 28.31 -5.81
CHB HEM D . 10.57 23.55 -6.58
CHC HEM D . 13.93 22.84 -3.16
CHD HEM D . 13.98 27.54 -2.19
C1A HEM D . 10.41 27.10 -6.33
C2A HEM D . 9.47 26.90 -7.43
C3A HEM D . 9.43 25.59 -7.69
C4A HEM D . 10.32 24.92 -6.73
CMA HEM D . 8.54 24.88 -8.75
CAA HEM D . 8.71 28.05 -8.15
CBA HEM D . 7.57 28.55 -7.25
CGA HEM D . 6.65 29.43 -8.09
O1A HEM D . 5.60 28.92 -8.58
O2A HEM D . 6.95 30.64 -8.22
C1B HEM D . 11.38 22.93 -5.63
C2B HEM D . 11.51 21.48 -5.42
C3B HEM D . 12.44 21.27 -4.46
C4B HEM D . 12.93 22.57 -4.05
CMB HEM D . 10.70 20.44 -6.21
CAB HEM D . 12.98 19.94 -3.84
CBB HEM D . 12.82 18.80 -4.52
C1C HEM D . 14.36 24.06 -2.72
C2C HEM D . 15.54 24.31 -1.93
C3C HEM D . 15.58 25.62 -1.62
C4C HEM D . 14.40 26.22 -2.25
CMC HEM D . 16.57 23.23 -1.57
CAC HEM D . 16.67 26.33 -0.77
CBC HEM D . 17.03 27.60 -1.01
C1D HEM D . 13.08 28.17 -3.02
C2D HEM D . 12.77 29.58 -2.94
C3D HEM D . 11.78 29.83 -4.06
C4D HEM D . 11.59 28.56 -4.72
CMD HEM D . 13.32 30.62 -1.94
CAD HEM D . 11.21 31.21 -4.41
CBD HEM D . 12.33 31.84 -5.26
CGD HEM D . 12.19 33.34 -5.50
O1D HEM D . 11.33 33.95 -4.84
O2D HEM D . 12.89 33.92 -6.37
NA HEM D . 10.93 25.86 -5.92
NB HEM D . 12.25 23.53 -4.74
NC HEM D . 13.70 25.25 -2.90
ND HEM D . 12.38 27.62 -4.08
FE HEM D . 12.58 25.60 -4.63
C1 GOL E . 10.48 44.37 9.63
O1 GOL E . 9.25 43.96 10.18
C2 GOL E . 11.38 43.15 9.47
O2 GOL E . 11.37 42.31 10.61
C3 GOL E . 12.83 43.56 9.15
O3 GOL E . 13.48 42.40 8.64
#